data_9G46
#
_entry.id   9G46
#
_cell.length_a   86.769
_cell.length_b   101.170
_cell.length_c   133.700
_cell.angle_alpha   90.00
_cell.angle_beta   90.00
_cell.angle_gamma   90.00
#
_symmetry.space_group_name_H-M   'P 21 21 21'
#
loop_
_entity.id
_entity.type
_entity.pdbx_description
1 polymer 'Glucose-6-phosphate isomerase'
2 non-polymer '5-PHOSPHOARABINONIC ACID'
3 non-polymer (1S)-3-(methylamino)-1-thiophen-2-yl-propan-1-ol
4 non-polymer [4-(hydroxymethyl)cyclohexyl]methanol
5 non-polymer 'CHLORIDE ION'
6 water water
#
_entity_poly.entity_id   1
_entity_poly.type   'polypeptide(L)'
_entity_poly.pdbx_seq_one_letter_code
;GPLGSMASFKLATDLPEWKKLEETYKSVGEKFSVRDAFAKDPKRFEEFSWIYKNYDDSKILFDFSKNLVNKEILDQLVTL
AKEAGVEKLRDAMFAGDHINTTEDRAVYHVALRNRALRKMPVDGKDTAQEVDDVLKHMKEFSDSIRDGSWTGYTGKSITD
VVNIGIGGSDLGPVMVTEALKAYSKPGLNVHFISNIDGTHTAETLKNLNPETTLFLIASKTFTTAETITNATSAKNWFLA
TAKDSKHIAKHFAALSTNEKEVVAFGIDAKNMFGFESWVGGRYSVWSAIGLSVAIYIGFENFNDFLKGAEAMDQHFLTTP
LENNIPVIGGLLSVWYNNFFGAQTHLVVPFDQYLHRFPAYLQQLSMESNGKSVTRANVFTNYQTGTILFGEPATNAQHSF
FQLVHQGTKLIPADFILAAQSHNPIEKNLHQRMLASNFFAQSEALMVGKDEAKVKAEGATGGLVPHKEFSGNRPTTSILA
QKITPATLGSLIAYYEHLTFTEGAIWNINSFDQWGVELGKVLAKVIGKELDDKKAVATHDASTNGLINQFKEWEE
;
_entity_poly.pdbx_strand_id   A,B
#
# COMPACT_ATOMS: atom_id res chain seq x y z
N MET A 6 23.29 10.54 -26.60
CA MET A 6 23.84 9.22 -26.24
C MET A 6 24.70 9.30 -24.99
N ALA A 7 24.97 8.14 -24.40
CA ALA A 7 25.44 8.08 -23.03
C ALA A 7 26.93 8.32 -23.00
N SER A 8 27.44 8.74 -21.83
CA SER A 8 28.88 8.95 -21.66
C SER A 8 29.53 7.75 -20.97
N PHE A 9 28.73 6.76 -20.55
CA PHE A 9 29.26 5.53 -19.94
C PHE A 9 28.20 4.44 -20.16
N LYS A 10 28.58 3.21 -19.82
CA LYS A 10 27.74 2.03 -20.10
C LYS A 10 27.05 1.56 -18.82
N LEU A 11 27.84 1.31 -17.78
CA LEU A 11 27.37 0.65 -16.57
C LEU A 11 27.85 1.38 -15.32
N ALA A 12 26.97 1.60 -14.35
CA ALA A 12 27.32 2.32 -13.13
C ALA A 12 28.45 1.61 -12.38
N THR A 13 28.47 0.30 -12.40
CA THR A 13 29.48 -0.51 -11.71
C THR A 13 30.89 -0.19 -12.22
N ASP A 14 31.00 0.33 -13.42
CA ASP A 14 32.29 0.67 -14.01
C ASP A 14 32.63 2.18 -13.94
N LEU A 15 31.79 3.00 -13.31
CA LEU A 15 32.26 4.33 -12.89
C LEU A 15 33.35 4.17 -11.85
N PRO A 16 34.48 4.91 -11.96
CA PRO A 16 35.61 4.71 -11.04
C PRO A 16 35.22 4.74 -9.57
N GLU A 17 34.27 5.60 -9.17
CA GLU A 17 33.96 5.73 -7.75
C GLU A 17 33.16 4.53 -7.23
N TRP A 18 32.54 3.76 -8.12
CA TRP A 18 31.72 2.65 -7.64
C TRP A 18 32.57 1.66 -6.83
N LYS A 19 33.71 1.25 -7.37
CA LYS A 19 34.53 0.30 -6.63
C LYS A 19 35.05 0.91 -5.33
N LYS A 20 35.28 2.23 -5.32
CA LYS A 20 35.68 2.91 -4.10
C LYS A 20 34.58 2.91 -3.06
N LEU A 21 33.32 3.11 -3.50
CA LEU A 21 32.21 3.02 -2.56
C LEU A 21 32.02 1.59 -2.02
N GLU A 22 32.31 0.57 -2.82
CA GLU A 22 32.28 -0.80 -2.32
C GLU A 22 33.30 -0.98 -1.19
N GLU A 23 34.49 -0.40 -1.35
CA GLU A 23 35.51 -0.50 -0.32
C GLU A 23 35.11 0.26 0.94
N THR A 24 34.53 1.46 0.77
CA THR A 24 34.03 2.22 1.92
C THR A 24 32.87 1.48 2.60
N TYR A 25 31.99 0.82 1.82
CA TYR A 25 30.96 0.01 2.44
C TYR A 25 31.57 -1.04 3.37
N LYS A 26 32.57 -1.77 2.89
CA LYS A 26 33.19 -2.80 3.72
C LYS A 26 33.86 -2.21 4.96
N SER A 27 34.56 -1.10 4.81
CA SER A 27 35.39 -0.59 5.91
C SER A 27 34.60 0.22 6.92
N VAL A 28 33.58 0.98 6.49
CA VAL A 28 32.91 1.97 7.33
C VAL A 28 31.38 1.84 7.28
N GLY A 29 30.82 1.47 6.12
CA GLY A 29 29.39 1.56 5.90
C GLY A 29 28.61 0.44 6.57
N GLU A 30 29.05 -0.80 6.36
CA GLU A 30 28.28 -1.95 6.81
C GLU A 30 27.98 -1.84 8.30
N LYS A 31 29.02 -1.50 9.08
CA LYS A 31 28.87 -1.50 10.53
C LYS A 31 28.69 -0.10 11.09
N PHE A 32 28.21 0.82 10.25
CA PHE A 32 28.05 2.23 10.62
C PHE A 32 27.19 2.34 11.86
N SER A 33 27.68 3.16 12.80
CA SER A 33 26.96 3.49 14.01
C SER A 33 26.54 4.95 13.96
N VAL A 34 25.23 5.16 13.85
CA VAL A 34 24.68 6.50 13.88
C VAL A 34 24.91 7.16 15.24
N ARG A 35 24.76 6.39 16.33
CA ARG A 35 25.09 6.93 17.63
C ARG A 35 26.55 7.46 17.67
N ASP A 36 27.51 6.66 17.21
CA ASP A 36 28.89 7.10 17.19
C ASP A 36 29.08 8.32 16.30
N ALA A 37 28.30 8.41 15.19
CA ALA A 37 28.46 9.56 14.31
C ALA A 37 28.08 10.86 15.04
N PHE A 38 27.01 10.82 15.83
CA PHE A 38 26.56 12.03 16.53
C PHE A 38 27.59 12.38 17.60
N ALA A 39 28.15 11.35 18.26
CA ALA A 39 29.15 11.60 19.30
C ALA A 39 30.43 12.20 18.72
N LYS A 40 30.79 11.85 17.49
CA LYS A 40 32.04 12.30 16.89
C LYS A 40 31.87 13.74 16.39
N ASP A 41 30.64 14.12 15.99
CA ASP A 41 30.43 15.37 15.25
C ASP A 41 29.29 16.15 15.92
N PRO A 42 29.58 17.12 16.80
CA PRO A 42 28.53 17.89 17.47
C PRO A 42 27.67 18.72 16.52
N LYS A 43 28.11 18.84 15.28
CA LYS A 43 27.37 19.64 14.31
C LYS A 43 26.62 18.72 13.33
N ARG A 44 26.47 17.43 13.64
CA ARG A 44 25.93 16.51 12.65
C ARG A 44 24.53 16.91 12.17
N PHE A 45 23.64 17.29 13.08
CA PHE A 45 22.29 17.65 12.67
C PHE A 45 22.34 18.82 11.69
N GLU A 46 23.12 19.88 12.00
CA GLU A 46 23.27 21.00 11.08
C GLU A 46 23.85 20.57 9.74
N GLU A 47 24.85 19.68 9.74
CA GLU A 47 25.58 19.32 8.53
C GLU A 47 24.76 18.43 7.60
N PHE A 48 23.83 17.66 8.17
CA PHE A 48 23.06 16.68 7.42
C PHE A 48 21.57 17.01 7.40
N SER A 49 21.21 18.27 7.65
CA SER A 49 19.84 18.73 7.43
C SER A 49 19.89 19.99 6.60
N TRP A 50 18.87 20.21 5.79
CA TRP A 50 18.76 21.34 4.90
C TRP A 50 17.34 21.91 4.99
N ILE A 51 17.25 23.23 5.09
CA ILE A 51 15.95 23.88 5.00
CA ILE A 51 15.97 23.97 5.01
C ILE A 51 15.73 24.30 3.54
N TYR A 52 14.60 23.87 3.01
CA TYR A 52 14.16 24.27 1.68
C TYR A 52 13.21 25.44 1.85
N LYS A 53 13.43 26.51 1.07
CA LYS A 53 12.52 27.66 1.10
C LYS A 53 11.72 27.69 -0.18
N ASN A 54 10.40 27.65 -0.01
CA ASN A 54 9.45 27.62 -1.10
C ASN A 54 9.24 29.03 -1.66
N TYR A 55 8.56 29.11 -2.81
CA TYR A 55 8.39 30.40 -3.47
C TYR A 55 7.59 31.40 -2.63
N ASP A 56 6.78 30.89 -1.70
CA ASP A 56 5.89 31.69 -0.86
C ASP A 56 6.51 31.94 0.52
N ASP A 57 7.79 31.64 0.66
CA ASP A 57 8.61 31.87 1.86
C ASP A 57 8.31 30.86 2.96
N SER A 58 7.41 29.90 2.70
CA SER A 58 7.24 28.76 3.59
C SER A 58 8.47 27.86 3.46
N LYS A 59 8.60 26.96 4.44
CA LYS A 59 9.82 26.16 4.59
C LYS A 59 9.52 24.69 4.82
N ILE A 60 10.48 23.86 4.44
CA ILE A 60 10.45 22.45 4.71
C ILE A 60 11.85 22.07 5.16
N LEU A 61 11.95 21.37 6.30
CA LEU A 61 13.22 20.87 6.78
C LEU A 61 13.37 19.42 6.32
N PHE A 62 14.48 19.13 5.63
CA PHE A 62 14.83 17.78 5.27
C PHE A 62 16.01 17.35 6.12
N ASP A 63 15.76 16.47 7.10
CA ASP A 63 16.80 16.00 8.01
C ASP A 63 17.24 14.59 7.64
N PHE A 64 18.45 14.47 7.10
CA PHE A 64 19.02 13.19 6.69
C PHE A 64 19.97 12.60 7.75
N SER A 65 20.08 13.21 8.94
CA SER A 65 21.16 12.95 9.87
C SER A 65 21.04 11.61 10.62
N LYS A 66 19.87 10.93 10.57
CA LYS A 66 19.75 9.58 11.12
C LYS A 66 20.00 8.48 10.08
N ASN A 67 20.55 8.87 8.90
CA ASN A 67 20.96 7.88 7.90
C ASN A 67 22.37 7.35 8.15
N LEU A 68 22.68 6.24 7.50
CA LEU A 68 24.00 5.58 7.61
C LEU A 68 24.96 6.26 6.66
N VAL A 69 25.32 7.49 6.99
CA VAL A 69 26.08 8.33 6.08
C VAL A 69 26.90 9.32 6.92
N ASN A 70 28.08 9.67 6.43
CA ASN A 70 28.90 10.74 6.99
C ASN A 70 29.48 11.55 5.84
N LYS A 71 30.35 12.50 6.17
CA LYS A 71 30.92 13.36 5.14
C LYS A 71 31.69 12.53 4.13
N GLU A 72 32.53 11.57 4.59
CA GLU A 72 33.34 10.76 3.68
C GLU A 72 32.43 10.05 2.66
N ILE A 73 31.36 9.42 3.15
CA ILE A 73 30.48 8.64 2.31
C ILE A 73 29.74 9.57 1.32
N LEU A 74 29.19 10.69 1.83
CA LEU A 74 28.39 11.57 0.99
C LEU A 74 29.26 12.18 -0.11
N ASP A 75 30.50 12.53 0.24
CA ASP A 75 31.41 13.10 -0.76
C ASP A 75 31.71 12.07 -1.87
N GLN A 76 31.84 10.79 -1.51
CA GLN A 76 32.04 9.75 -2.50
C GLN A 76 30.80 9.60 -3.39
N LEU A 77 29.61 9.67 -2.77
CA LEU A 77 28.38 9.55 -3.56
C LEU A 77 28.23 10.74 -4.50
N VAL A 78 28.65 11.92 -4.06
CA VAL A 78 28.63 13.07 -4.95
C VAL A 78 29.60 12.91 -6.12
N THR A 79 30.79 12.38 -5.84
CA THR A 79 31.70 12.08 -6.94
C THR A 79 31.09 11.11 -7.96
N LEU A 80 30.42 10.06 -7.44
CA LEU A 80 29.75 9.10 -8.29
C LEU A 80 28.73 9.83 -9.18
N ALA A 81 27.93 10.75 -8.61
CA ALA A 81 26.95 11.49 -9.41
C ALA A 81 27.64 12.32 -10.49
N LYS A 82 28.78 12.93 -10.18
CA LYS A 82 29.48 13.68 -11.20
C LYS A 82 30.02 12.76 -12.30
N GLU A 83 30.56 11.60 -11.94
CA GLU A 83 31.04 10.66 -12.95
C GLU A 83 29.89 10.15 -13.85
N ALA A 84 28.70 10.02 -13.27
CA ALA A 84 27.53 9.53 -14.02
C ALA A 84 26.91 10.64 -14.88
N GLY A 85 27.32 11.87 -14.69
CA GLY A 85 26.77 12.95 -15.48
C GLY A 85 25.33 13.26 -15.11
N VAL A 86 25.01 13.17 -13.81
CA VAL A 86 23.67 13.56 -13.37
C VAL A 86 23.30 14.98 -13.84
N GLU A 87 24.23 15.94 -13.66
CA GLU A 87 23.94 17.31 -14.02
C GLU A 87 23.73 17.50 -15.52
N LYS A 88 24.54 16.83 -16.34
CA LYS A 88 24.40 16.95 -17.79
C LYS A 88 23.05 16.40 -18.25
N LEU A 89 22.59 15.27 -17.65
CA LEU A 89 21.30 14.70 -18.06
C LEU A 89 20.17 15.60 -17.56
N ARG A 90 20.30 16.15 -16.35
CA ARG A 90 19.30 17.06 -15.82
C ARG A 90 19.18 18.28 -16.73
N ASP A 91 20.32 18.87 -17.06
CA ASP A 91 20.28 20.05 -17.92
C ASP A 91 19.62 19.75 -19.28
N ALA A 92 19.91 18.58 -19.85
CA ALA A 92 19.27 18.14 -21.08
C ALA A 92 17.76 17.99 -20.92
N MET A 93 17.32 17.45 -19.77
CA MET A 93 15.90 17.37 -19.50
C MET A 93 15.26 18.78 -19.55
N PHE A 94 15.87 19.73 -18.83
CA PHE A 94 15.35 21.09 -18.75
C PHE A 94 15.46 21.82 -20.08
N ALA A 95 16.40 21.39 -20.94
CA ALA A 95 16.57 21.98 -22.28
C ALA A 95 15.50 21.52 -23.28
N GLY A 96 14.71 20.50 -22.92
CA GLY A 96 13.73 19.90 -23.84
C GLY A 96 14.30 18.81 -24.74
N ASP A 97 15.52 18.36 -24.47
CA ASP A 97 16.14 17.37 -25.30
C ASP A 97 15.37 16.04 -25.18
N HIS A 98 15.50 15.16 -26.19
CA HIS A 98 14.75 13.91 -26.21
C HIS A 98 15.43 12.81 -25.40
N ILE A 99 15.49 13.01 -24.06
CA ILE A 99 16.24 12.09 -23.19
C ILE A 99 15.48 10.79 -22.95
N ASN A 100 14.21 10.71 -23.33
CA ASN A 100 13.47 9.45 -23.36
C ASN A 100 13.85 8.83 -24.70
N THR A 101 14.97 8.10 -24.70
CA THR A 101 15.63 7.67 -25.92
C THR A 101 14.84 6.60 -26.68
N THR A 102 14.18 5.70 -25.97
CA THR A 102 13.49 4.56 -26.53
C THR A 102 12.19 4.92 -27.21
N GLU A 103 11.51 6.00 -26.79
CA GLU A 103 10.32 6.51 -27.44
C GLU A 103 10.64 7.76 -28.25
N ASP A 104 11.87 8.24 -28.19
CA ASP A 104 12.30 9.47 -28.87
C ASP A 104 11.40 10.64 -28.51
N ARG A 105 11.37 10.94 -27.21
CA ARG A 105 10.53 12.01 -26.69
C ARG A 105 11.32 12.89 -25.72
N ALA A 106 10.89 14.15 -25.63
CA ALA A 106 11.30 15.01 -24.55
C ALA A 106 10.65 14.52 -23.26
N VAL A 107 11.17 15.04 -22.15
CA VAL A 107 10.73 14.68 -20.81
C VAL A 107 10.49 16.00 -20.09
N TYR A 108 9.23 16.50 -20.11
CA TYR A 108 9.06 17.93 -19.90
C TYR A 108 7.90 18.22 -18.97
N HIS A 109 7.69 17.36 -17.98
CA HIS A 109 6.82 17.73 -16.86
C HIS A 109 7.28 19.03 -16.22
N VAL A 110 8.60 19.36 -16.20
CA VAL A 110 9.03 20.64 -15.59
C VAL A 110 8.40 21.83 -16.33
N ALA A 111 8.10 21.71 -17.63
CA ALA A 111 7.49 22.79 -18.38
C ALA A 111 6.05 23.03 -18.00
N LEU A 112 5.37 22.02 -17.44
CA LEU A 112 3.96 22.14 -17.08
C LEU A 112 3.75 23.16 -15.97
N ARG A 113 4.75 23.29 -15.09
CA ARG A 113 4.64 24.18 -13.94
C ARG A 113 5.52 25.42 -14.06
N ASN A 114 5.87 25.75 -15.32
CA ASN A 114 6.61 26.97 -15.68
C ASN A 114 5.72 28.22 -15.60
N ARG A 115 5.23 28.55 -14.40
CA ARG A 115 4.39 29.73 -14.21
C ARG A 115 5.18 31.01 -14.45
N ALA A 116 6.51 30.98 -14.27
CA ALA A 116 7.38 32.13 -14.51
C ALA A 116 7.42 32.45 -16.02
N LEU A 117 6.99 31.53 -16.90
CA LEU A 117 7.06 31.69 -18.34
C LEU A 117 8.51 31.86 -18.81
N ARG A 118 9.42 31.10 -18.21
CA ARG A 118 10.77 30.96 -18.75
C ARG A 118 10.68 30.33 -20.12
N LYS A 119 11.69 30.61 -20.96
CA LYS A 119 11.78 29.94 -22.24
C LYS A 119 12.13 28.47 -22.00
N MET A 120 11.22 27.59 -22.44
CA MET A 120 11.34 26.16 -22.25
CA MET A 120 11.31 26.15 -22.24
C MET A 120 10.92 25.47 -23.54
N PRO A 121 11.88 25.24 -24.46
CA PRO A 121 11.53 24.79 -25.81
C PRO A 121 11.60 23.29 -26.01
N VAL A 122 10.65 22.77 -26.80
CA VAL A 122 10.74 21.42 -27.33
C VAL A 122 10.83 21.54 -28.85
N ASP A 123 11.80 20.82 -29.46
CA ASP A 123 11.96 20.85 -30.90
C ASP A 123 12.18 22.32 -31.32
N GLY A 124 12.87 23.08 -30.47
CA GLY A 124 13.26 24.43 -30.79
C GLY A 124 12.13 25.45 -30.72
N LYS A 125 10.95 25.06 -30.20
CA LYS A 125 9.84 25.99 -30.08
C LYS A 125 9.42 26.08 -28.62
N ASP A 126 9.38 27.29 -28.08
CA ASP A 126 9.02 27.50 -26.67
C ASP A 126 7.62 26.92 -26.42
N THR A 127 7.53 26.23 -25.26
CA THR A 127 6.26 25.69 -24.78
C THR A 127 5.55 26.62 -23.81
N ALA A 128 6.18 27.71 -23.35
CA ALA A 128 5.59 28.44 -22.23
C ALA A 128 4.16 28.89 -22.49
N GLN A 129 3.86 29.49 -23.65
CA GLN A 129 2.53 30.01 -23.90
C GLN A 129 1.54 28.89 -24.16
N GLU A 130 1.96 27.82 -24.82
CA GLU A 130 1.08 26.70 -25.13
C GLU A 130 0.59 26.02 -23.85
N VAL A 131 1.49 25.85 -22.88
CA VAL A 131 1.16 25.30 -21.56
C VAL A 131 0.19 26.26 -20.85
N ASP A 132 0.55 27.54 -20.88
CA ASP A 132 -0.18 28.55 -20.16
C ASP A 132 -1.60 28.61 -20.72
N ASP A 133 -1.73 28.50 -22.04
CA ASP A 133 -3.06 28.53 -22.66
C ASP A 133 -3.95 27.35 -22.22
N VAL A 134 -3.39 26.16 -21.99
CA VAL A 134 -4.16 25.06 -21.45
C VAL A 134 -4.60 25.39 -20.02
N LEU A 135 -3.69 25.94 -19.21
CA LEU A 135 -4.01 26.31 -17.85
C LEU A 135 -5.12 27.38 -17.83
N LYS A 136 -5.11 28.30 -18.80
CA LYS A 136 -6.18 29.30 -18.86
C LYS A 136 -7.53 28.65 -19.12
N HIS A 137 -7.56 27.68 -20.03
CA HIS A 137 -8.74 26.87 -20.30
C HIS A 137 -9.20 26.16 -19.03
N MET A 138 -8.24 25.54 -18.33
CA MET A 138 -8.56 24.86 -17.08
C MET A 138 -9.17 25.81 -16.04
N LYS A 139 -8.60 27.01 -15.89
CA LYS A 139 -9.13 28.01 -14.97
C LYS A 139 -10.56 28.39 -15.35
N GLU A 140 -10.78 28.71 -16.63
CA GLU A 140 -12.09 29.12 -17.14
CA GLU A 140 -12.09 29.13 -17.11
C GLU A 140 -13.12 28.05 -16.80
N PHE A 141 -12.80 26.80 -17.12
CA PHE A 141 -13.78 25.72 -17.01
C PHE A 141 -14.02 25.44 -15.53
N SER A 142 -12.95 25.25 -14.76
CA SER A 142 -13.11 24.95 -13.33
C SER A 142 -13.85 26.09 -12.62
N ASP A 143 -13.53 27.35 -12.94
CA ASP A 143 -14.28 28.47 -12.38
C ASP A 143 -15.76 28.35 -12.73
N SER A 144 -16.09 27.98 -13.96
CA SER A 144 -17.48 27.89 -14.41
CA SER A 144 -17.48 27.89 -14.41
C SER A 144 -18.21 26.75 -13.69
N ILE A 145 -17.52 25.63 -13.41
CA ILE A 145 -18.14 24.57 -12.61
C ILE A 145 -18.45 25.11 -11.22
N ARG A 146 -17.46 25.77 -10.59
CA ARG A 146 -17.58 26.20 -9.19
C ARG A 146 -18.57 27.36 -8.99
N ASP A 147 -18.74 28.22 -10.01
CA ASP A 147 -19.62 29.38 -9.90
C ASP A 147 -21.02 29.07 -10.45
N GLY A 148 -21.25 27.84 -10.93
CA GLY A 148 -22.55 27.41 -11.43
C GLY A 148 -22.92 28.00 -12.80
N SER A 149 -21.96 28.58 -13.54
CA SER A 149 -22.25 29.04 -14.89
C SER A 149 -22.22 27.89 -15.90
N TRP A 150 -21.50 26.80 -15.60
CA TRP A 150 -21.61 25.60 -16.38
C TRP A 150 -22.60 24.68 -15.70
N THR A 151 -23.82 24.62 -16.25
CA THR A 151 -24.86 23.80 -15.66
C THR A 151 -25.01 22.49 -16.43
N GLY A 152 -25.63 21.50 -15.79
CA GLY A 152 -26.02 20.27 -16.46
C GLY A 152 -27.22 20.46 -17.38
N TYR A 153 -27.75 19.36 -17.90
CA TYR A 153 -28.70 19.45 -18.99
C TYR A 153 -30.08 19.89 -18.50
N THR A 154 -30.30 19.96 -17.20
CA THR A 154 -31.54 20.48 -16.64
C THR A 154 -31.30 21.81 -15.89
N GLY A 155 -30.17 22.47 -16.12
CA GLY A 155 -29.92 23.79 -15.58
C GLY A 155 -29.43 23.82 -14.15
N LYS A 156 -28.99 22.66 -13.62
CA LYS A 156 -28.53 22.57 -12.24
C LYS A 156 -27.00 22.60 -12.17
N SER A 157 -26.48 23.19 -11.08
CA SER A 157 -25.04 23.21 -10.79
C SER A 157 -24.53 21.79 -10.74
N ILE A 158 -23.28 21.59 -11.15
CA ILE A 158 -22.61 20.28 -10.96
C ILE A 158 -22.28 20.05 -9.49
N THR A 159 -22.57 18.85 -8.98
CA THR A 159 -22.31 18.48 -7.60
C THR A 159 -21.23 17.39 -7.52
N ASP A 160 -21.05 16.64 -8.60
CA ASP A 160 -20.16 15.50 -8.59
C ASP A 160 -19.36 15.49 -9.87
N VAL A 161 -18.03 15.32 -9.73
CA VAL A 161 -17.14 15.24 -10.88
C VAL A 161 -16.46 13.87 -10.84
N VAL A 162 -16.62 13.10 -11.89
CA VAL A 162 -16.13 11.73 -11.96
C VAL A 162 -15.02 11.70 -13.00
N ASN A 163 -13.77 11.51 -12.52
CA ASN A 163 -12.64 11.25 -13.40
C ASN A 163 -12.69 9.77 -13.77
N ILE A 164 -12.50 9.45 -15.03
CA ILE A 164 -12.40 8.08 -15.52
C ILE A 164 -11.06 7.97 -16.19
N GLY A 165 -10.16 7.14 -15.65
CA GLY A 165 -8.83 6.98 -16.19
C GLY A 165 -8.09 5.98 -15.34
N ILE A 166 -6.90 5.56 -15.78
CA ILE A 166 -6.18 4.55 -15.02
C ILE A 166 -4.68 4.88 -15.00
N GLY A 167 -4.00 4.35 -13.98
CA GLY A 167 -2.56 4.59 -13.84
C GLY A 167 -2.22 6.06 -13.68
N GLY A 168 -1.36 6.57 -14.57
CA GLY A 168 -0.99 7.97 -14.58
C GLY A 168 -2.16 8.93 -14.75
N SER A 169 -3.25 8.41 -15.34
CA SER A 169 -4.42 9.25 -15.56
C SER A 169 -5.40 9.18 -14.42
N ASP A 170 -5.04 8.54 -13.31
CA ASP A 170 -5.90 8.32 -12.16
C ASP A 170 -5.21 8.66 -10.83
N LEU A 171 -4.04 8.09 -10.54
CA LEU A 171 -3.52 8.07 -9.18
C LEU A 171 -3.11 9.47 -8.69
N GLY A 172 -2.60 10.35 -9.57
CA GLY A 172 -2.28 11.70 -9.15
C GLY A 172 -3.54 12.46 -8.73
N PRO A 173 -4.56 12.51 -9.60
CA PRO A 173 -5.84 13.14 -9.21
C PRO A 173 -6.38 12.60 -7.90
N VAL A 174 -6.36 11.27 -7.74
CA VAL A 174 -6.81 10.69 -6.47
C VAL A 174 -5.98 11.29 -5.31
N MET A 175 -4.65 11.10 -5.38
CA MET A 175 -3.81 11.36 -4.22
C MET A 175 -3.91 12.84 -3.87
N VAL A 176 -3.89 13.71 -4.89
CA VAL A 176 -3.79 15.15 -4.62
C VAL A 176 -5.14 15.71 -4.14
N THR A 177 -6.29 15.23 -4.69
CA THR A 177 -7.57 15.64 -4.14
C THR A 177 -7.77 15.16 -2.71
N GLU A 178 -7.27 13.96 -2.38
CA GLU A 178 -7.31 13.53 -0.99
C GLU A 178 -6.39 14.38 -0.11
N ALA A 179 -5.19 14.67 -0.60
CA ALA A 179 -4.20 15.39 0.17
C ALA A 179 -4.64 16.82 0.49
N LEU A 180 -5.37 17.45 -0.44
CA LEU A 180 -5.75 18.87 -0.38
C LEU A 180 -7.25 19.06 -0.13
N LYS A 181 -7.90 18.01 0.40
CA LYS A 181 -9.32 17.99 0.72
C LYS A 181 -9.72 19.14 1.65
N ALA A 182 -8.82 19.61 2.51
CA ALA A 182 -9.16 20.74 3.37
C ALA A 182 -9.52 21.99 2.58
N TYR A 183 -9.12 22.06 1.30
CA TYR A 183 -9.31 23.22 0.45
C TYR A 183 -10.52 23.09 -0.46
N SER A 184 -11.32 22.05 -0.29
CA SER A 184 -12.52 21.83 -1.09
C SER A 184 -13.71 22.66 -0.57
N LYS A 185 -14.80 22.62 -1.31
CA LYS A 185 -15.99 23.35 -0.84
C LYS A 185 -17.16 22.41 -0.67
N PRO A 186 -18.07 22.73 0.28
CA PRO A 186 -19.21 21.87 0.52
C PRO A 186 -20.04 21.70 -0.73
N GLY A 187 -20.47 20.46 -0.99
CA GLY A 187 -21.42 20.21 -2.05
C GLY A 187 -20.81 19.94 -3.42
N LEU A 188 -19.48 20.00 -3.55
CA LEU A 188 -18.84 19.70 -4.83
C LEU A 188 -17.81 18.62 -4.56
N ASN A 189 -18.13 17.41 -5.02
CA ASN A 189 -17.38 16.19 -4.70
C ASN A 189 -16.73 15.65 -5.96
N VAL A 190 -15.64 14.92 -5.76
CA VAL A 190 -14.90 14.25 -6.83
C VAL A 190 -14.90 12.75 -6.56
N HIS A 191 -14.89 12.01 -7.66
CA HIS A 191 -14.84 10.56 -7.67
C HIS A 191 -13.93 10.11 -8.79
N PHE A 192 -13.44 8.88 -8.65
CA PHE A 192 -12.38 8.33 -9.49
C PHE A 192 -12.66 6.87 -9.86
N ILE A 193 -13.13 6.66 -11.09
CA ILE A 193 -13.34 5.35 -11.66
C ILE A 193 -12.07 5.00 -12.43
N SER A 194 -11.52 3.81 -12.20
CA SER A 194 -10.25 3.46 -12.84
C SER A 194 -10.17 1.99 -13.23
N ASN A 195 -10.47 1.10 -12.27
CA ASN A 195 -10.40 -0.32 -12.58
C ASN A 195 -11.38 -0.70 -13.67
N ILE A 196 -11.01 -1.66 -14.52
CA ILE A 196 -12.00 -2.23 -15.45
C ILE A 196 -13.05 -2.99 -14.66
N ASP A 197 -12.68 -3.61 -13.53
CA ASP A 197 -13.65 -4.34 -12.70
C ASP A 197 -14.94 -3.51 -12.63
N GLY A 198 -16.06 -4.11 -13.05
CA GLY A 198 -17.34 -3.40 -13.14
C GLY A 198 -17.87 -2.94 -11.79
N THR A 199 -17.34 -3.53 -10.70
CA THR A 199 -17.62 -3.02 -9.37
C THR A 199 -17.30 -1.52 -9.25
N HIS A 200 -16.17 -1.09 -9.84
CA HIS A 200 -15.73 0.29 -9.67
C HIS A 200 -16.75 1.26 -10.28
N THR A 201 -17.25 0.95 -11.46
CA THR A 201 -18.30 1.79 -12.06
C THR A 201 -19.64 1.70 -11.31
N ALA A 202 -20.05 0.48 -10.99
CA ALA A 202 -21.35 0.24 -10.35
C ALA A 202 -21.43 0.93 -8.99
N GLU A 203 -20.39 0.83 -8.15
CA GLU A 203 -20.44 1.43 -6.82
C GLU A 203 -20.30 2.94 -6.89
N THR A 204 -19.55 3.45 -7.88
CA THR A 204 -19.34 4.89 -7.91
C THR A 204 -20.61 5.58 -8.40
N LEU A 205 -21.28 5.04 -9.43
CA LEU A 205 -22.38 5.77 -10.07
C LEU A 205 -23.71 5.54 -9.38
N LYS A 206 -23.84 4.49 -8.55
CA LYS A 206 -25.19 4.04 -8.20
C LYS A 206 -26.02 5.13 -7.50
N ASN A 207 -25.41 6.01 -6.70
CA ASN A 207 -26.21 7.01 -6.02
C ASN A 207 -25.99 8.42 -6.54
N LEU A 208 -25.33 8.58 -7.69
CA LEU A 208 -25.14 9.90 -8.27
C LEU A 208 -26.33 10.27 -9.17
N ASN A 209 -26.52 11.57 -9.39
CA ASN A 209 -27.56 12.09 -10.27
C ASN A 209 -26.95 12.48 -11.63
N PRO A 210 -27.34 11.81 -12.73
CA PRO A 210 -26.89 12.21 -14.06
C PRO A 210 -27.06 13.72 -14.33
N GLU A 211 -28.09 14.35 -13.76
CA GLU A 211 -28.32 15.76 -14.02
C GLU A 211 -27.20 16.65 -13.47
N THR A 212 -26.45 16.22 -12.42
CA THR A 212 -25.51 17.07 -11.71
C THR A 212 -24.12 16.41 -11.69
N THR A 213 -23.93 15.41 -12.56
CA THR A 213 -22.64 14.71 -12.62
C THR A 213 -21.88 15.04 -13.92
N LEU A 214 -20.60 15.44 -13.79
CA LEU A 214 -19.72 15.72 -14.92
C LEU A 214 -18.61 14.66 -14.94
N PHE A 215 -18.36 14.12 -16.13
CA PHE A 215 -17.27 13.17 -16.33
C PHE A 215 -16.09 13.84 -17.02
N LEU A 216 -14.89 13.49 -16.55
CA LEU A 216 -13.66 13.84 -17.22
C LEU A 216 -13.03 12.51 -17.64
N ILE A 217 -12.90 12.30 -18.95
CA ILE A 217 -12.30 11.09 -19.44
C ILE A 217 -10.82 11.40 -19.63
N ALA A 218 -9.97 10.78 -18.80
CA ALA A 218 -8.57 11.13 -18.67
C ALA A 218 -7.77 10.02 -19.31
N SER A 219 -7.15 10.35 -20.45
CA SER A 219 -6.39 9.38 -21.20
C SER A 219 -5.47 10.10 -22.18
N LYS A 220 -4.15 9.96 -21.94
CA LYS A 220 -3.12 10.47 -22.85
C LYS A 220 -3.40 10.04 -24.29
N THR A 221 -3.52 8.72 -24.50
CA THR A 221 -3.72 8.16 -25.84
C THR A 221 -5.16 8.27 -26.32
N PHE A 222 -6.08 8.21 -25.36
CA PHE A 222 -7.51 8.07 -25.62
C PHE A 222 -7.82 6.75 -26.33
N THR A 223 -6.98 5.72 -26.08
CA THR A 223 -7.22 4.38 -26.61
C THR A 223 -7.17 3.26 -25.57
N THR A 224 -6.84 3.58 -24.33
CA THR A 224 -6.70 2.57 -23.30
C THR A 224 -8.01 1.80 -23.12
N ALA A 225 -7.89 0.47 -23.17
CA ALA A 225 -9.08 -0.36 -23.15
C ALA A 225 -9.91 -0.12 -21.89
N GLU A 226 -9.31 -0.14 -20.69
CA GLU A 226 -10.11 0.00 -19.49
C GLU A 226 -10.87 1.32 -19.54
N THR A 227 -10.15 2.40 -19.87
CA THR A 227 -10.73 3.73 -19.79
C THR A 227 -11.85 3.92 -20.82
N ILE A 228 -11.62 3.50 -22.05
CA ILE A 228 -12.66 3.68 -23.06
C ILE A 228 -13.89 2.84 -22.73
N THR A 229 -13.68 1.64 -22.20
CA THR A 229 -14.78 0.77 -21.81
C THR A 229 -15.52 1.40 -20.63
N ASN A 230 -14.78 1.88 -19.63
CA ASN A 230 -15.43 2.55 -18.52
C ASN A 230 -16.24 3.74 -19.01
N ALA A 231 -15.62 4.54 -19.88
CA ALA A 231 -16.23 5.77 -20.34
C ALA A 231 -17.51 5.45 -21.10
N THR A 232 -17.51 4.37 -21.87
CA THR A 232 -18.71 3.96 -22.60
C THR A 232 -19.82 3.57 -21.64
N SER A 233 -19.47 2.80 -20.61
CA SER A 233 -20.45 2.38 -19.61
C SER A 233 -21.03 3.58 -18.88
N ALA A 234 -20.16 4.58 -18.58
CA ALA A 234 -20.65 5.80 -17.98
C ALA A 234 -21.60 6.57 -18.91
N LYS A 235 -21.30 6.62 -20.20
CA LYS A 235 -22.18 7.27 -21.17
C LYS A 235 -23.53 6.53 -21.21
N ASN A 236 -23.49 5.20 -21.14
CA ASN A 236 -24.73 4.42 -21.11
C ASN A 236 -25.55 4.79 -19.89
N TRP A 237 -24.90 4.87 -18.73
CA TRP A 237 -25.59 5.24 -17.50
C TRP A 237 -26.20 6.62 -17.62
N PHE A 238 -25.43 7.55 -18.20
CA PHE A 238 -25.90 8.91 -18.35
C PHE A 238 -27.15 8.94 -19.23
N LEU A 239 -27.04 8.29 -20.38
CA LEU A 239 -28.13 8.29 -21.38
C LEU A 239 -29.36 7.54 -20.89
N ALA A 240 -29.21 6.60 -19.95
CA ALA A 240 -30.36 5.90 -19.39
C ALA A 240 -31.36 6.88 -18.78
N THR A 241 -30.85 7.99 -18.24
CA THR A 241 -31.65 9.02 -17.64
C THR A 241 -31.88 10.19 -18.61
N ALA A 242 -30.83 10.62 -19.33
CA ALA A 242 -30.88 11.86 -20.08
C ALA A 242 -31.57 11.68 -21.44
N LYS A 243 -31.39 10.49 -22.01
CA LYS A 243 -32.05 10.01 -23.22
C LYS A 243 -31.37 10.56 -24.48
N ASP A 244 -31.23 11.88 -24.59
CA ASP A 244 -30.77 12.53 -25.81
C ASP A 244 -29.26 12.72 -25.75
N SER A 245 -28.54 12.21 -26.74
CA SER A 245 -27.11 12.38 -26.82
C SER A 245 -26.68 13.84 -27.01
N LYS A 246 -27.61 14.77 -27.36
CA LYS A 246 -27.16 16.17 -27.39
C LYS A 246 -26.74 16.66 -26.01
N HIS A 247 -27.20 15.98 -24.93
CA HIS A 247 -26.89 16.39 -23.58
C HIS A 247 -25.49 15.98 -23.12
N ILE A 248 -24.85 15.12 -23.90
CA ILE A 248 -23.48 14.67 -23.59
C ILE A 248 -22.53 15.85 -23.50
N ALA A 249 -22.71 16.89 -24.35
CA ALA A 249 -21.80 18.03 -24.37
C ALA A 249 -21.73 18.82 -23.06
N LYS A 250 -22.72 18.70 -22.16
CA LYS A 250 -22.65 19.42 -20.90
C LYS A 250 -22.09 18.52 -19.80
N HIS A 251 -21.83 17.25 -20.12
CA HIS A 251 -21.55 16.29 -19.06
C HIS A 251 -20.26 15.51 -19.29
N PHE A 252 -19.62 15.66 -20.44
CA PHE A 252 -18.41 14.89 -20.71
C PHE A 252 -17.34 15.79 -21.30
N ALA A 253 -16.16 15.70 -20.69
CA ALA A 253 -14.99 16.42 -21.15
C ALA A 253 -13.86 15.40 -21.22
N ALA A 254 -12.76 15.77 -21.88
CA ALA A 254 -11.64 14.85 -22.07
C ALA A 254 -10.32 15.55 -21.73
N LEU A 255 -9.40 14.77 -21.18
CA LEU A 255 -8.06 15.20 -20.85
C LEU A 255 -7.12 14.29 -21.63
N SER A 256 -6.49 14.81 -22.69
CA SER A 256 -5.90 13.93 -23.67
C SER A 256 -4.88 14.64 -24.54
N THR A 257 -4.07 13.85 -25.23
CA THR A 257 -3.23 14.33 -26.33
C THR A 257 -3.86 14.07 -27.70
N ASN A 258 -4.96 13.32 -27.76
CA ASN A 258 -5.44 12.77 -29.03
C ASN A 258 -6.82 13.34 -29.36
N GLU A 259 -6.82 14.50 -30.01
CA GLU A 259 -8.09 15.14 -30.31
C GLU A 259 -8.96 14.29 -31.24
N LYS A 260 -8.35 13.62 -32.23
CA LYS A 260 -9.15 12.84 -33.18
C LYS A 260 -9.96 11.75 -32.47
N GLU A 261 -9.33 11.03 -31.53
CA GLU A 261 -10.02 9.96 -30.82
C GLU A 261 -11.06 10.52 -29.85
N VAL A 262 -10.79 11.68 -29.23
CA VAL A 262 -11.77 12.31 -28.38
C VAL A 262 -13.02 12.61 -29.20
N VAL A 263 -12.84 13.21 -30.38
CA VAL A 263 -14.01 13.65 -31.13
C VAL A 263 -14.77 12.44 -31.65
N ALA A 264 -14.02 11.39 -32.05
CA ALA A 264 -14.60 10.11 -32.45
C ALA A 264 -15.44 9.48 -31.33
N PHE A 265 -15.08 9.72 -30.06
CA PHE A 265 -15.85 9.22 -28.93
C PHE A 265 -17.15 9.99 -28.71
N GLY A 266 -17.31 11.19 -29.28
CA GLY A 266 -18.52 11.96 -29.08
C GLY A 266 -18.33 13.19 -28.18
N ILE A 267 -17.07 13.50 -27.84
CA ILE A 267 -16.77 14.66 -27.03
C ILE A 267 -16.39 15.78 -27.99
N ASP A 268 -16.97 16.94 -27.77
CA ASP A 268 -16.63 18.15 -28.55
C ASP A 268 -15.16 18.55 -28.30
N ALA A 269 -14.41 18.90 -29.37
CA ALA A 269 -13.01 19.33 -29.25
C ALA A 269 -12.88 20.51 -28.28
N LYS A 270 -13.89 21.38 -28.16
CA LYS A 270 -13.86 22.53 -27.28
C LYS A 270 -13.74 22.09 -25.81
N ASN A 271 -14.16 20.85 -25.54
CA ASN A 271 -14.18 20.30 -24.18
C ASN A 271 -13.03 19.33 -23.98
N MET A 272 -12.03 19.36 -24.88
CA MET A 272 -10.76 18.66 -24.66
C MET A 272 -9.76 19.63 -24.04
N PHE A 273 -9.08 19.15 -22.97
CA PHE A 273 -7.99 19.84 -22.30
C PHE A 273 -6.72 19.09 -22.66
N GLY A 274 -5.84 19.76 -23.42
CA GLY A 274 -4.79 19.01 -24.10
C GLY A 274 -3.49 18.96 -23.34
N PHE A 275 -2.67 17.98 -23.71
CA PHE A 275 -1.27 17.96 -23.28
C PHE A 275 -0.51 17.21 -24.34
N GLU A 276 0.81 17.13 -24.15
CA GLU A 276 1.71 16.67 -25.19
C GLU A 276 2.37 15.36 -24.82
N SER A 277 3.02 14.75 -25.83
CA SER A 277 3.67 13.44 -25.73
CA SER A 277 3.61 13.42 -25.67
C SER A 277 4.73 13.40 -24.62
N TRP A 278 5.33 14.57 -24.35
CA TRP A 278 6.46 14.68 -23.45
C TRP A 278 6.05 14.76 -21.98
N VAL A 279 4.71 14.58 -21.73
CA VAL A 279 4.21 14.38 -20.37
C VAL A 279 4.02 12.89 -20.12
N GLY A 280 4.89 12.27 -19.30
CA GLY A 280 4.65 10.89 -18.90
C GLY A 280 3.46 10.82 -17.94
N GLY A 281 2.67 9.73 -18.02
CA GLY A 281 1.51 9.60 -17.15
C GLY A 281 1.80 9.77 -15.66
N ARG A 282 2.92 9.18 -15.19
CA ARG A 282 3.28 9.22 -13.79
C ARG A 282 3.86 10.57 -13.35
N TYR A 283 3.93 11.54 -14.32
CA TYR A 283 4.40 12.90 -14.15
C TYR A 283 3.33 13.84 -14.69
N SER A 284 2.06 13.40 -14.75
CA SER A 284 1.04 14.12 -15.50
C SER A 284 0.07 14.94 -14.68
N VAL A 285 0.06 14.84 -13.34
CA VAL A 285 -0.96 15.55 -12.58
C VAL A 285 -0.83 17.08 -12.70
N TRP A 286 0.34 17.57 -13.12
CA TRP A 286 0.62 18.99 -13.33
C TRP A 286 -0.06 19.52 -14.61
N SER A 287 -0.49 18.62 -15.51
CA SER A 287 -1.08 18.97 -16.81
C SER A 287 -2.61 19.09 -16.69
N ALA A 288 -3.25 19.05 -17.86
CA ALA A 288 -4.70 18.87 -17.99
C ALA A 288 -5.22 17.72 -17.15
N ILE A 289 -4.40 16.66 -16.97
CA ILE A 289 -4.83 15.54 -16.11
C ILE A 289 -5.22 16.02 -14.71
N GLY A 290 -4.68 17.12 -14.20
CA GLY A 290 -5.07 17.65 -12.91
C GLY A 290 -6.38 18.44 -12.89
N LEU A 291 -7.15 18.48 -13.97
CA LEU A 291 -8.36 19.30 -13.98
C LEU A 291 -9.28 18.99 -12.79
N SER A 292 -9.45 17.73 -12.40
CA SER A 292 -10.26 17.40 -11.23
C SER A 292 -9.77 18.11 -9.98
N VAL A 293 -8.46 18.28 -9.81
CA VAL A 293 -7.91 19.02 -8.69
C VAL A 293 -8.36 20.47 -8.75
N ALA A 294 -8.18 21.12 -9.92
CA ALA A 294 -8.57 22.52 -10.03
C ALA A 294 -10.07 22.71 -9.78
N ILE A 295 -10.88 21.74 -10.20
CA ILE A 295 -12.30 21.85 -9.93
C ILE A 295 -12.57 21.70 -8.44
N TYR A 296 -11.94 20.73 -7.80
CA TYR A 296 -12.24 20.43 -6.41
C TYR A 296 -11.80 21.55 -5.47
N ILE A 297 -10.59 22.11 -5.66
CA ILE A 297 -10.02 23.07 -4.72
C ILE A 297 -9.91 24.48 -5.29
N GLY A 298 -10.25 24.65 -6.58
CA GLY A 298 -10.13 25.93 -7.29
C GLY A 298 -8.80 26.13 -7.98
N PHE A 299 -8.84 26.81 -9.10
CA PHE A 299 -7.66 26.95 -9.93
C PHE A 299 -6.51 27.62 -9.18
N GLU A 300 -6.79 28.61 -8.35
CA GLU A 300 -5.71 29.33 -7.66
C GLU A 300 -4.90 28.37 -6.78
N ASN A 301 -5.59 27.48 -6.04
CA ASN A 301 -4.90 26.48 -5.24
C ASN A 301 -4.10 25.54 -6.13
N PHE A 302 -4.69 25.10 -7.26
CA PHE A 302 -3.99 24.26 -8.21
C PHE A 302 -2.73 24.99 -8.73
N ASN A 303 -2.83 26.28 -9.06
CA ASN A 303 -1.69 27.06 -9.51
C ASN A 303 -0.59 27.18 -8.45
N ASP A 304 -1.00 27.33 -7.18
CA ASP A 304 -0.06 27.32 -6.07
C ASP A 304 0.68 25.99 -5.97
N PHE A 305 -0.04 24.90 -6.20
CA PHE A 305 0.56 23.58 -6.28
C PHE A 305 1.63 23.53 -7.38
N LEU A 306 1.30 24.00 -8.58
CA LEU A 306 2.28 24.05 -9.66
C LEU A 306 3.47 24.91 -9.24
N LYS A 307 3.25 26.07 -8.62
CA LYS A 307 4.36 26.95 -8.24
C LYS A 307 5.26 26.31 -7.19
N GLY A 308 4.74 25.44 -6.30
CA GLY A 308 5.59 24.70 -5.40
C GLY A 308 6.51 23.74 -6.12
N ALA A 309 5.98 23.05 -7.15
CA ALA A 309 6.83 22.19 -7.97
C ALA A 309 7.90 23.03 -8.69
N GLU A 310 7.51 24.16 -9.26
CA GLU A 310 8.45 25.03 -9.98
C GLU A 310 9.62 25.48 -9.11
N ALA A 311 9.32 25.81 -7.84
CA ALA A 311 10.35 26.24 -6.90
C ALA A 311 11.33 25.10 -6.63
N MET A 312 10.81 23.87 -6.51
CA MET A 312 11.67 22.73 -6.23
C MET A 312 12.46 22.39 -7.49
N ASP A 313 11.87 22.60 -8.65
CA ASP A 313 12.60 22.45 -9.92
C ASP A 313 13.80 23.40 -9.94
N GLN A 314 13.57 24.64 -9.55
CA GLN A 314 14.65 25.63 -9.53
C GLN A 314 15.75 25.25 -8.55
N HIS A 315 15.36 24.75 -7.36
CA HIS A 315 16.34 24.25 -6.42
C HIS A 315 17.17 23.16 -7.06
N PHE A 316 16.51 22.18 -7.68
CA PHE A 316 17.21 21.06 -8.31
C PHE A 316 18.14 21.49 -9.43
N LEU A 317 17.72 22.47 -10.19
CA LEU A 317 18.46 22.95 -11.35
C LEU A 317 19.73 23.72 -10.96
N THR A 318 19.67 24.45 -9.84
CA THR A 318 20.64 25.53 -9.59
C THR A 318 21.56 25.26 -8.41
N THR A 319 21.39 24.12 -7.71
CA THR A 319 22.08 23.86 -6.46
C THR A 319 23.22 22.87 -6.69
N PRO A 320 24.46 23.19 -6.26
CA PRO A 320 25.53 22.21 -6.30
C PRO A 320 25.08 20.87 -5.69
N LEU A 321 25.57 19.77 -6.24
CA LEU A 321 25.09 18.45 -5.84
C LEU A 321 25.13 18.24 -4.32
N GLU A 322 26.18 18.70 -3.63
CA GLU A 322 26.40 18.41 -2.22
C GLU A 322 25.35 19.04 -1.32
N ASN A 323 24.60 20.04 -1.82
CA ASN A 323 23.55 20.71 -1.07
C ASN A 323 22.19 20.59 -1.74
N ASN A 324 22.08 19.73 -2.77
CA ASN A 324 20.87 19.64 -3.58
C ASN A 324 19.99 18.52 -3.00
N ILE A 325 18.82 18.91 -2.46
CA ILE A 325 18.06 18.05 -1.55
C ILE A 325 17.58 16.81 -2.29
N PRO A 326 16.93 16.88 -3.47
CA PRO A 326 16.54 15.66 -4.16
C PRO A 326 17.73 14.78 -4.56
N VAL A 327 18.87 15.40 -4.90
CA VAL A 327 20.04 14.60 -5.24
C VAL A 327 20.53 13.82 -4.02
N ILE A 328 20.57 14.48 -2.85
CA ILE A 328 21.01 13.79 -1.63
C ILE A 328 20.12 12.57 -1.38
N GLY A 329 18.78 12.76 -1.44
CA GLY A 329 17.88 11.64 -1.24
C GLY A 329 18.15 10.51 -2.23
N GLY A 330 18.44 10.87 -3.48
CA GLY A 330 18.72 9.87 -4.47
C GLY A 330 20.03 9.12 -4.24
N LEU A 331 21.06 9.85 -3.81
CA LEU A 331 22.34 9.24 -3.49
C LEU A 331 22.17 8.27 -2.32
N LEU A 332 21.38 8.61 -1.31
CA LEU A 332 21.19 7.68 -0.21
C LEU A 332 20.48 6.43 -0.68
N SER A 333 19.50 6.58 -1.59
CA SER A 333 18.80 5.45 -2.15
C SER A 333 19.77 4.48 -2.82
N VAL A 334 20.65 5.02 -3.66
CA VAL A 334 21.69 4.20 -4.31
C VAL A 334 22.55 3.50 -3.26
N TRP A 335 23.00 4.24 -2.24
CA TRP A 335 23.78 3.67 -1.15
C TRP A 335 23.10 2.42 -0.58
N TYR A 336 21.82 2.56 -0.21
CA TYR A 336 21.14 1.44 0.44
C TYR A 336 20.87 0.31 -0.55
N ASN A 337 20.38 0.66 -1.74
CA ASN A 337 20.00 -0.35 -2.75
C ASN A 337 21.19 -1.17 -3.23
N ASN A 338 22.28 -0.47 -3.58
CA ASN A 338 23.41 -1.06 -4.27
C ASN A 338 24.54 -1.50 -3.35
N PHE A 339 24.64 -0.99 -2.11
CA PHE A 339 25.78 -1.32 -1.28
C PHE A 339 25.30 -2.10 -0.08
N PHE A 340 24.19 -1.69 0.53
CA PHE A 340 23.61 -2.47 1.61
C PHE A 340 22.78 -3.65 1.12
N GLY A 341 22.25 -3.56 -0.11
CA GLY A 341 21.35 -4.57 -0.65
C GLY A 341 19.93 -4.51 -0.07
N ALA A 342 19.50 -3.36 0.43
CA ALA A 342 18.11 -3.19 0.85
C ALA A 342 17.23 -3.03 -0.37
N GLN A 343 16.20 -3.87 -0.53
CA GLN A 343 15.39 -3.85 -1.69
C GLN A 343 14.25 -2.83 -1.64
N THR A 344 13.93 -2.30 -0.46
CA THR A 344 12.70 -1.51 -0.31
C THR A 344 13.03 -0.10 0.19
N HIS A 345 12.03 0.74 0.05
CA HIS A 345 12.04 2.12 0.51
C HIS A 345 10.64 2.41 1.03
N LEU A 346 10.56 2.77 2.30
CA LEU A 346 9.31 3.01 3.01
C LEU A 346 9.06 4.50 3.09
N VAL A 347 7.85 4.93 2.77
CA VAL A 347 7.43 6.33 2.90
C VAL A 347 6.20 6.38 3.79
N VAL A 348 6.30 7.12 4.90
CA VAL A 348 5.24 7.16 5.91
C VAL A 348 4.89 8.60 6.20
N PRO A 349 3.76 9.09 5.66
CA PRO A 349 3.25 10.38 6.09
C PRO A 349 2.54 10.27 7.42
N PHE A 350 2.96 11.11 8.36
CA PHE A 350 2.26 11.29 9.63
C PHE A 350 1.15 12.32 9.40
N ASP A 351 0.21 11.92 8.56
CA ASP A 351 -0.75 12.80 7.94
C ASP A 351 -1.80 11.96 7.23
N GLN A 352 -3.03 12.00 7.72
CA GLN A 352 -4.10 11.21 7.13
C GLN A 352 -4.51 11.71 5.75
N TYR A 353 -4.52 13.04 5.52
CA TYR A 353 -4.80 13.53 4.18
C TYR A 353 -3.88 12.89 3.14
N LEU A 354 -2.63 12.64 3.50
CA LEU A 354 -1.65 12.07 2.59
C LEU A 354 -1.71 10.55 2.57
N HIS A 355 -2.85 9.93 2.88
CA HIS A 355 -2.93 8.46 2.89
C HIS A 355 -2.62 7.79 1.56
N ARG A 356 -2.81 8.46 0.42
CA ARG A 356 -2.54 7.89 -0.89
C ARG A 356 -1.19 8.34 -1.44
N PHE A 357 -0.42 9.08 -0.64
CA PHE A 357 0.88 9.56 -1.07
C PHE A 357 1.85 8.41 -1.31
N PRO A 358 2.01 7.41 -0.42
CA PRO A 358 2.92 6.32 -0.77
C PRO A 358 2.54 5.58 -2.05
N ALA A 359 1.24 5.36 -2.31
CA ALA A 359 0.81 4.64 -3.52
C ALA A 359 1.22 5.45 -4.74
N TYR A 360 1.04 6.77 -4.68
CA TYR A 360 1.42 7.62 -5.81
C TYR A 360 2.92 7.50 -6.06
N LEU A 361 3.74 7.61 -4.99
CA LEU A 361 5.18 7.54 -5.12
C LEU A 361 5.58 6.14 -5.60
N GLN A 362 4.83 5.10 -5.20
CA GLN A 362 5.12 3.74 -5.61
C GLN A 362 5.09 3.66 -7.14
N GLN A 363 4.09 4.28 -7.76
CA GLN A 363 4.04 4.33 -9.21
C GLN A 363 5.19 5.15 -9.79
N LEU A 364 5.35 6.39 -9.28
CA LEU A 364 6.41 7.28 -9.75
C LEU A 364 7.76 6.56 -9.77
N SER A 365 8.10 6.00 -8.61
CA SER A 365 9.43 5.41 -8.38
C SER A 365 9.59 4.14 -9.22
N MET A 366 8.72 3.16 -8.99
CA MET A 366 8.94 1.81 -9.51
C MET A 366 8.74 1.78 -11.02
N GLU A 367 7.73 2.48 -11.54
CA GLU A 367 7.54 2.54 -12.98
C GLU A 367 8.68 3.29 -13.69
N SER A 368 9.26 4.26 -13.02
CA SER A 368 10.43 4.94 -13.61
C SER A 368 11.64 4.04 -13.61
N ASN A 369 11.95 3.45 -12.45
CA ASN A 369 13.29 2.90 -12.28
C ASN A 369 13.34 1.39 -12.32
N GLY A 370 12.23 0.70 -12.56
CA GLY A 370 12.22 -0.76 -12.74
C GLY A 370 12.61 -1.16 -14.16
N LYS A 371 13.93 -1.11 -14.40
CA LYS A 371 14.52 -1.31 -15.72
C LYS A 371 15.80 -2.15 -15.58
N SER A 372 16.16 -2.87 -16.66
CA SER A 372 17.34 -3.73 -16.63
C SER A 372 18.33 -3.39 -17.73
N VAL A 373 18.08 -2.33 -18.47
CA VAL A 373 18.91 -1.96 -19.62
C VAL A 373 19.29 -0.49 -19.50
N THR A 374 20.56 -0.21 -19.80
CA THR A 374 21.07 1.16 -19.70
C THR A 374 20.95 1.94 -21.01
N ARG A 375 21.31 3.25 -20.93
CA ARG A 375 21.33 4.14 -22.10
C ARG A 375 22.41 3.76 -23.10
N ALA A 376 23.32 2.87 -22.72
CA ALA A 376 24.26 2.29 -23.68
C ALA A 376 23.70 1.00 -24.31
N ASN A 377 22.45 0.65 -23.96
CA ASN A 377 21.71 -0.45 -24.56
C ASN A 377 22.38 -1.78 -24.22
N VAL A 378 22.91 -1.92 -23.01
CA VAL A 378 23.39 -3.17 -22.49
C VAL A 378 22.63 -3.45 -21.19
N PHE A 379 22.59 -4.71 -20.81
CA PHE A 379 21.97 -5.12 -19.57
C PHE A 379 22.84 -4.72 -18.40
N THR A 380 22.15 -4.37 -17.30
CA THR A 380 22.87 -4.04 -16.07
C THR A 380 23.43 -5.29 -15.40
N ASN A 381 24.45 -5.06 -14.56
CA ASN A 381 24.99 -6.07 -13.64
C ASN A 381 24.95 -5.53 -12.21
N TYR A 382 23.85 -4.83 -11.92
CA TYR A 382 23.63 -4.27 -10.61
C TYR A 382 22.15 -3.97 -10.45
N GLN A 383 21.74 -3.81 -9.19
CA GLN A 383 20.35 -3.48 -8.89
C GLN A 383 19.95 -2.09 -9.36
N THR A 384 18.72 -2.02 -9.86
CA THR A 384 18.08 -0.76 -10.15
C THR A 384 16.96 -0.49 -9.16
N GLY A 385 15.82 -0.02 -9.64
CA GLY A 385 14.73 0.51 -8.81
C GLY A 385 14.40 -0.37 -7.60
N THR A 386 14.19 0.36 -6.50
CA THR A 386 13.71 -0.26 -5.26
CA THR A 386 13.71 -0.17 -5.23
C THR A 386 12.21 -0.44 -5.29
N ILE A 387 11.73 -1.20 -4.31
CA ILE A 387 10.32 -1.41 -4.11
C ILE A 387 9.90 -0.42 -3.03
N LEU A 388 8.99 0.47 -3.43
CA LEU A 388 8.55 1.55 -2.57
C LEU A 388 7.18 1.21 -2.04
N PHE A 389 6.99 1.42 -0.75
CA PHE A 389 5.72 1.10 -0.10
C PHE A 389 5.49 2.01 1.09
N GLY A 390 4.26 1.98 1.63
CA GLY A 390 3.95 2.68 2.87
C GLY A 390 2.45 2.89 3.08
N GLU A 391 2.17 3.32 4.31
CA GLU A 391 0.84 3.74 4.77
C GLU A 391 1.08 4.93 5.68
N PRO A 392 0.03 5.70 6.00
CA PRO A 392 0.18 6.78 6.95
C PRO A 392 0.39 6.28 8.36
N ALA A 393 1.13 7.09 9.14
CA ALA A 393 1.23 6.95 10.58
C ALA A 393 0.16 7.86 11.23
N THR A 394 -0.37 7.50 12.38
CA THR A 394 0.18 6.47 13.27
C THR A 394 -0.26 5.03 12.91
N ASN A 395 -1.23 4.83 12.03
CA ASN A 395 -1.67 3.48 11.65
C ASN A 395 -0.51 2.50 11.42
N ALA A 396 0.45 2.93 10.59
CA ALA A 396 1.57 2.06 10.23
C ALA A 396 2.33 1.55 11.44
N GLN A 397 2.46 2.33 12.57
CA GLN A 397 3.14 1.93 13.77
C GLN A 397 2.52 0.67 14.40
N HIS A 398 1.20 0.52 14.20
CA HIS A 398 0.43 -0.62 14.72
C HIS A 398 0.15 -1.65 13.59
N SER A 399 0.90 -1.65 12.50
CA SER A 399 0.58 -2.49 11.34
C SER A 399 1.82 -3.36 11.11
N PHE A 400 2.85 -2.72 10.52
CA PHE A 400 4.06 -3.37 10.06
C PHE A 400 5.34 -2.78 10.65
N PHE A 401 5.23 -1.70 11.41
CA PHE A 401 6.40 -1.18 12.06
C PHE A 401 7.09 -2.21 12.98
N GLN A 402 6.35 -3.22 13.47
CA GLN A 402 7.01 -4.32 14.18
C GLN A 402 8.21 -4.82 13.38
N LEU A 403 8.02 -5.07 12.10
CA LEU A 403 9.10 -5.61 11.28
C LEU A 403 10.17 -4.55 11.01
N VAL A 404 9.76 -3.32 10.81
CA VAL A 404 10.74 -2.23 10.65
C VAL A 404 11.70 -2.18 11.85
N HIS A 405 11.17 -2.31 13.07
CA HIS A 405 11.97 -2.24 14.29
C HIS A 405 12.76 -3.52 14.59
N GLN A 406 12.18 -4.71 14.38
CA GLN A 406 12.76 -5.93 14.96
C GLN A 406 13.02 -7.04 13.96
N GLY A 407 12.67 -6.87 12.71
CA GLY A 407 12.91 -7.84 11.67
C GLY A 407 14.37 -7.85 11.22
N THR A 408 14.63 -8.59 10.12
CA THR A 408 15.98 -8.92 9.67
C THR A 408 16.33 -8.15 8.40
N LYS A 409 15.46 -7.20 8.00
CA LYS A 409 15.66 -6.46 6.78
C LYS A 409 15.85 -4.97 7.06
N LEU A 410 16.83 -4.37 6.38
CA LEU A 410 17.04 -2.94 6.42
C LEU A 410 16.02 -2.26 5.52
N ILE A 411 15.28 -1.29 6.09
CA ILE A 411 14.20 -0.63 5.36
C ILE A 411 14.38 0.87 5.56
N PRO A 412 15.11 1.52 4.64
CA PRO A 412 15.25 2.96 4.65
C PRO A 412 13.86 3.57 4.61
N ALA A 413 13.60 4.54 5.51
CA ALA A 413 12.27 5.10 5.67
C ALA A 413 12.33 6.62 5.64
N ASP A 414 11.32 7.22 5.01
CA ASP A 414 11.10 8.65 5.01
C ASP A 414 9.82 8.91 5.78
N PHE A 415 9.92 9.74 6.83
CA PHE A 415 8.78 10.14 7.64
C PHE A 415 8.48 11.60 7.37
N ILE A 416 7.21 11.95 7.19
CA ILE A 416 6.81 13.31 6.79
C ILE A 416 5.76 13.81 7.79
N LEU A 417 5.96 14.99 8.35
CA LEU A 417 4.99 15.62 9.26
C LEU A 417 4.82 17.08 8.92
N ALA A 418 3.58 17.57 9.02
CA ALA A 418 3.35 19.02 9.07
C ALA A 418 3.32 19.53 10.52
N ALA A 419 3.96 20.67 10.76
CA ALA A 419 3.93 21.28 12.10
C ALA A 419 2.52 21.78 12.47
N GLN A 420 1.75 22.24 11.50
CA GLN A 420 0.40 22.75 11.71
CA GLN A 420 0.40 22.77 11.69
C GLN A 420 -0.59 21.88 10.94
N SER A 421 -1.67 21.50 11.62
CA SER A 421 -2.77 20.75 11.06
C SER A 421 -3.81 21.67 10.47
N HIS A 422 -4.47 21.22 9.40
CA HIS A 422 -5.68 21.89 8.95
C HIS A 422 -6.86 21.70 9.90
N ASN A 423 -6.74 20.73 10.82
CA ASN A 423 -7.85 20.31 11.67
C ASN A 423 -7.35 20.25 13.11
N PRO A 424 -6.98 21.38 13.73
CA PRO A 424 -6.38 21.40 15.07
C PRO A 424 -7.41 21.26 16.19
N ILE A 425 -8.17 20.18 16.14
CA ILE A 425 -9.31 19.97 17.03
C ILE A 425 -8.79 19.79 18.45
N GLU A 426 -9.68 20.06 19.43
CA GLU A 426 -9.33 19.89 20.83
C GLU A 426 -8.03 20.65 21.15
N LYS A 427 -7.96 21.89 20.67
CA LYS A 427 -6.87 22.79 21.03
C LYS A 427 -5.53 22.13 20.72
N ASN A 428 -5.47 21.47 19.55
CA ASN A 428 -4.27 20.84 19.00
C ASN A 428 -3.79 19.61 19.78
N LEU A 429 -4.60 19.03 20.64
CA LEU A 429 -4.25 17.80 21.35
C LEU A 429 -3.84 16.65 20.43
N HIS A 430 -4.61 16.42 19.39
CA HIS A 430 -4.34 15.32 18.47
C HIS A 430 -3.05 15.57 17.70
N GLN A 431 -2.84 16.83 17.33
CA GLN A 431 -1.67 17.24 16.58
C GLN A 431 -0.41 17.04 17.41
N ARG A 432 -0.43 17.44 18.70
CA ARG A 432 0.74 17.19 19.55
C ARG A 432 1.03 15.71 19.71
N MET A 433 -0.02 14.91 19.85
CA MET A 433 0.18 13.47 19.94
C MET A 433 0.75 12.89 18.64
N LEU A 434 0.22 13.33 17.49
CA LEU A 434 0.77 12.90 16.20
C LEU A 434 2.25 13.25 16.06
N ALA A 435 2.58 14.49 16.41
CA ALA A 435 3.96 14.95 16.30
C ALA A 435 4.88 14.13 17.19
N SER A 436 4.44 13.87 18.44
CA SER A 436 5.25 13.14 19.39
C SER A 436 5.67 11.77 18.83
N ASN A 437 4.74 11.15 18.11
CA ASN A 437 4.99 9.86 17.47
C ASN A 437 6.04 10.01 16.39
N PHE A 438 5.87 11.03 15.52
CA PHE A 438 6.86 11.31 14.48
C PHE A 438 8.28 11.34 15.05
N PHE A 439 8.48 12.14 16.11
CA PHE A 439 9.82 12.29 16.62
C PHE A 439 10.27 11.00 17.30
N ALA A 440 9.39 10.37 18.03
CA ALA A 440 9.76 9.21 18.85
C ALA A 440 10.11 7.98 18.01
N GLN A 441 9.43 7.82 16.88
CA GLN A 441 9.65 6.61 16.06
C GLN A 441 11.04 6.67 15.42
N SER A 442 11.40 7.83 14.86
CA SER A 442 12.71 7.92 14.27
C SER A 442 13.78 7.82 15.33
N GLU A 443 13.54 8.42 16.50
CA GLU A 443 14.50 8.28 17.59
C GLU A 443 14.69 6.80 17.95
N ALA A 444 13.60 6.10 18.13
CA ALA A 444 13.62 4.68 18.51
C ALA A 444 14.38 3.84 17.50
N LEU A 445 14.15 4.10 16.19
CA LEU A 445 14.83 3.32 15.16
C LEU A 445 16.34 3.52 15.21
N MET A 446 16.76 4.72 15.60
CA MET A 446 18.19 5.01 15.71
CA MET A 446 18.19 5.00 15.70
C MET A 446 18.80 4.46 17.00
N VAL A 447 18.17 4.73 18.13
CA VAL A 447 18.81 4.42 19.43
C VAL A 447 18.70 2.93 19.78
N GLY A 448 17.61 2.31 19.42
CA GLY A 448 17.38 0.93 19.83
C GLY A 448 17.34 0.80 21.34
N LYS A 449 17.61 -0.44 21.78
CA LYS A 449 17.50 -0.81 23.20
C LYS A 449 18.29 -2.08 23.39
N ASP A 450 19.39 -1.96 24.14
CA ASP A 450 20.33 -3.05 24.23
C ASP A 450 19.95 -4.04 25.35
N GLU A 451 20.74 -5.11 25.38
CA GLU A 451 20.51 -6.22 26.28
C GLU A 451 20.50 -5.72 27.72
N ALA A 452 21.45 -4.84 28.04
CA ALA A 452 21.53 -4.37 29.40
C ALA A 452 20.30 -3.59 29.84
N LYS A 453 19.77 -2.76 28.93
CA LYS A 453 18.59 -1.98 29.25
CA LYS A 453 18.59 -1.98 29.25
C LYS A 453 17.35 -2.87 29.38
N VAL A 454 17.26 -3.89 28.52
CA VAL A 454 16.17 -4.83 28.65
C VAL A 454 16.21 -5.51 30.01
N LYS A 455 17.39 -5.95 30.44
CA LYS A 455 17.53 -6.52 31.79
C LYS A 455 17.13 -5.48 32.86
N ALA A 456 17.63 -4.26 32.74
CA ALA A 456 17.34 -3.24 33.74
C ALA A 456 15.84 -3.00 33.85
N GLU A 457 15.09 -3.16 32.74
CA GLU A 457 13.64 -2.94 32.68
C GLU A 457 12.84 -4.13 33.22
N GLY A 458 13.52 -5.24 33.55
CA GLY A 458 12.92 -6.32 34.31
C GLY A 458 12.87 -7.68 33.63
N ALA A 459 13.31 -7.80 32.37
CA ALA A 459 13.28 -9.12 31.72
C ALA A 459 14.46 -9.97 32.18
N THR A 460 14.22 -11.28 32.33
CA THR A 460 15.25 -12.23 32.71
C THR A 460 15.26 -13.42 31.75
N GLY A 461 16.42 -14.08 31.73
CA GLY A 461 16.61 -15.31 31.01
C GLY A 461 16.21 -15.15 29.56
N GLY A 462 15.43 -16.12 29.08
CA GLY A 462 15.20 -16.22 27.64
C GLY A 462 14.34 -15.09 27.09
N LEU A 463 13.59 -14.37 27.92
CA LEU A 463 12.75 -13.28 27.39
C LEU A 463 13.59 -12.11 26.85
N VAL A 464 14.80 -11.93 27.38
CA VAL A 464 15.62 -10.74 27.14
C VAL A 464 15.82 -10.48 25.64
N PRO A 465 16.31 -11.42 24.82
CA PRO A 465 16.61 -11.08 23.42
C PRO A 465 15.38 -10.62 22.65
N HIS A 466 14.19 -11.12 23.04
CA HIS A 466 12.97 -10.83 22.30
C HIS A 466 12.59 -9.37 22.41
N LYS A 467 13.09 -8.67 23.45
CA LYS A 467 12.75 -7.31 23.74
C LYS A 467 13.86 -6.33 23.37
N GLU A 468 14.92 -6.82 22.73
CA GLU A 468 16.00 -5.97 22.26
C GLU A 468 15.63 -5.32 20.93
N PHE A 469 16.20 -4.13 20.72
CA PHE A 469 16.10 -3.43 19.45
C PHE A 469 17.49 -3.02 19.01
N SER A 470 17.85 -3.36 17.77
CA SER A 470 19.22 -3.17 17.30
C SER A 470 19.61 -1.69 17.29
N GLY A 471 18.63 -0.84 16.97
CA GLY A 471 18.93 0.52 16.55
C GLY A 471 19.77 0.55 15.27
N ASN A 472 20.26 1.74 14.92
CA ASN A 472 20.95 1.99 13.67
C ASN A 472 20.10 1.65 12.46
N ARG A 473 18.78 1.85 12.62
CA ARG A 473 17.86 1.66 11.51
C ARG A 473 17.56 3.07 10.99
N PRO A 474 17.85 3.35 9.72
CA PRO A 474 17.90 4.73 9.22
C PRO A 474 16.55 5.29 8.87
N THR A 475 16.41 6.60 9.06
CA THR A 475 15.25 7.34 8.63
C THR A 475 15.75 8.69 8.09
N THR A 476 14.90 9.24 7.25
CA THR A 476 14.89 10.61 6.82
C THR A 476 13.61 11.23 7.37
N SER A 477 13.73 12.41 8.01
CA SER A 477 12.57 13.13 8.55
C SER A 477 12.39 14.43 7.74
N ILE A 478 11.17 14.64 7.30
CA ILE A 478 10.77 15.77 6.48
C ILE A 478 9.68 16.46 7.29
N LEU A 479 9.99 17.68 7.74
CA LEU A 479 9.07 18.48 8.54
C LEU A 479 8.68 19.73 7.76
N ALA A 480 7.42 19.81 7.40
CA ALA A 480 6.91 21.01 6.75
C ALA A 480 6.23 21.88 7.78
N GLN A 481 6.01 23.14 7.43
CA GLN A 481 5.20 24.00 8.28
C GLN A 481 3.74 23.55 8.23
N LYS A 482 3.21 23.35 7.02
CA LYS A 482 1.83 22.99 6.80
C LYS A 482 1.74 22.39 5.39
N ILE A 483 0.93 21.35 5.20
CA ILE A 483 0.77 20.77 3.86
C ILE A 483 -0.30 21.53 3.10
N THR A 484 0.18 22.66 2.56
CA THR A 484 -0.57 23.48 1.65
C THR A 484 -0.38 22.97 0.23
N PRO A 485 -1.16 23.46 -0.73
CA PRO A 485 -0.91 23.15 -2.15
C PRO A 485 0.57 23.32 -2.54
N ALA A 486 1.17 24.45 -2.19
CA ALA A 486 2.55 24.74 -2.54
C ALA A 486 3.48 23.71 -1.94
N THR A 487 3.27 23.35 -0.67
CA THR A 487 4.12 22.36 -0.01
C THR A 487 4.00 21.01 -0.72
N LEU A 488 2.78 20.59 -1.03
CA LEU A 488 2.61 19.30 -1.67
C LEU A 488 3.30 19.31 -3.04
N GLY A 489 3.22 20.44 -3.76
CA GLY A 489 3.87 20.53 -5.05
C GLY A 489 5.36 20.30 -4.92
N SER A 490 5.97 20.96 -3.93
CA SER A 490 7.40 20.79 -3.67
C SER A 490 7.75 19.36 -3.31
N LEU A 491 6.92 18.74 -2.46
CA LEU A 491 7.17 17.38 -2.01
C LEU A 491 7.11 16.38 -3.16
N ILE A 492 6.11 16.54 -4.06
CA ILE A 492 6.10 15.59 -5.17
C ILE A 492 7.34 15.83 -6.04
N ALA A 493 7.66 17.10 -6.34
CA ALA A 493 8.81 17.35 -7.19
C ALA A 493 10.09 16.82 -6.53
N TYR A 494 10.22 16.89 -5.19
CA TYR A 494 11.37 16.29 -4.53
C TYR A 494 11.51 14.82 -4.95
N TYR A 495 10.41 14.05 -4.85
CA TYR A 495 10.47 12.65 -5.21
C TYR A 495 10.65 12.47 -6.71
N GLU A 496 10.12 13.35 -7.56
CA GLU A 496 10.43 13.25 -8.99
C GLU A 496 11.93 13.38 -9.26
N HIS A 497 12.59 14.34 -8.60
CA HIS A 497 14.00 14.58 -8.86
C HIS A 497 14.89 13.61 -8.13
N LEU A 498 14.45 13.07 -7.01
CA LEU A 498 15.13 11.93 -6.38
C LEU A 498 15.14 10.75 -7.36
N THR A 499 13.98 10.48 -7.95
CA THR A 499 13.82 9.39 -8.94
C THR A 499 14.75 9.61 -10.15
N PHE A 500 14.80 10.87 -10.59
CA PHE A 500 15.68 11.27 -11.68
C PHE A 500 17.13 10.91 -11.34
N THR A 501 17.56 11.31 -10.13
CA THR A 501 18.94 11.11 -9.71
C THR A 501 19.32 9.63 -9.74
N GLU A 502 18.46 8.80 -9.11
CA GLU A 502 18.68 7.36 -9.07
C GLU A 502 18.88 6.82 -10.49
N GLY A 503 17.94 7.16 -11.38
CA GLY A 503 18.03 6.67 -12.75
C GLY A 503 19.26 7.13 -13.49
N ALA A 504 19.70 8.36 -13.19
CA ALA A 504 20.85 8.91 -13.86
C ALA A 504 22.09 8.13 -13.42
N ILE A 505 22.22 7.85 -12.13
CA ILE A 505 23.35 7.06 -11.65
C ILE A 505 23.34 5.66 -12.26
N TRP A 506 22.18 5.01 -12.30
CA TRP A 506 22.09 3.65 -12.84
C TRP A 506 22.19 3.62 -14.37
N ASN A 507 22.11 4.81 -15.00
CA ASN A 507 22.23 4.94 -16.44
C ASN A 507 21.03 4.31 -17.13
N ILE A 508 19.84 4.32 -16.51
CA ILE A 508 18.64 3.79 -17.13
C ILE A 508 17.83 4.94 -17.71
N ASN A 509 16.83 4.59 -18.51
CA ASN A 509 15.84 5.54 -18.99
C ASN A 509 14.65 5.56 -18.02
N SER A 510 14.57 6.56 -17.14
CA SER A 510 13.54 6.65 -16.12
C SER A 510 12.15 6.97 -16.70
N PHE A 511 12.05 7.15 -18.00
CA PHE A 511 10.92 7.81 -18.62
C PHE A 511 10.10 6.94 -19.58
N ASP A 512 10.52 5.73 -19.89
CA ASP A 512 9.74 4.78 -20.65
C ASP A 512 9.08 3.78 -19.69
N GLN A 513 8.29 2.87 -20.26
CA GLN A 513 7.62 1.84 -19.45
C GLN A 513 7.19 0.68 -20.31
N TRP A 514 8.16 -0.03 -20.88
CA TRP A 514 7.77 -1.04 -21.88
C TRP A 514 6.97 -2.18 -21.26
N GLY A 515 7.11 -2.47 -19.95
CA GLY A 515 6.21 -3.44 -19.32
C GLY A 515 4.74 -3.00 -19.19
N VAL A 516 4.52 -1.72 -18.90
CA VAL A 516 3.17 -1.15 -18.89
C VAL A 516 2.59 -1.11 -20.31
N GLU A 517 3.43 -0.80 -21.30
CA GLU A 517 2.98 -0.82 -22.69
C GLU A 517 2.64 -2.25 -23.12
N LEU A 518 3.43 -3.26 -22.69
CA LEU A 518 3.12 -4.64 -23.02
C LEU A 518 1.78 -4.99 -22.41
N GLY A 519 1.58 -4.62 -21.14
CA GLY A 519 0.35 -5.05 -20.50
C GLY A 519 -0.91 -4.63 -21.25
N LYS A 520 -0.85 -3.46 -21.88
CA LYS A 520 -1.99 -2.91 -22.60
C LYS A 520 -2.26 -3.64 -23.92
N VAL A 521 -1.39 -4.53 -24.36
CA VAL A 521 -1.69 -5.33 -25.55
C VAL A 521 -1.82 -6.81 -25.24
N LEU A 522 -1.72 -7.23 -23.98
CA LEU A 522 -1.68 -8.69 -23.73
C LEU A 522 -3.07 -9.33 -23.63
N ALA A 523 -4.09 -8.60 -23.18
CA ALA A 523 -5.30 -9.27 -22.70
C ALA A 523 -6.25 -9.60 -23.85
N LYS A 524 -6.13 -8.90 -24.99
CA LYS A 524 -7.11 -9.00 -26.06
C LYS A 524 -7.17 -10.43 -26.61
N VAL A 525 -6.01 -11.09 -26.75
CA VAL A 525 -5.88 -12.46 -27.23
CA VAL A 525 -6.02 -12.41 -27.32
C VAL A 525 -6.82 -13.37 -26.43
N ILE A 526 -6.65 -13.30 -25.10
CA ILE A 526 -7.41 -14.14 -24.21
C ILE A 526 -8.86 -13.67 -24.15
N GLY A 527 -9.09 -12.37 -24.20
CA GLY A 527 -10.45 -11.85 -24.22
C GLY A 527 -11.30 -12.48 -25.33
N LYS A 528 -10.71 -12.68 -26.51
CA LYS A 528 -11.43 -13.34 -27.61
C LYS A 528 -11.74 -14.80 -27.27
N GLU A 529 -10.82 -15.51 -26.57
CA GLU A 529 -11.04 -16.86 -26.11
C GLU A 529 -12.14 -16.96 -25.04
N LEU A 530 -12.31 -15.92 -24.19
CA LEU A 530 -13.39 -15.90 -23.21
C LEU A 530 -14.74 -15.64 -23.87
N ASP A 531 -14.72 -15.03 -25.07
CA ASP A 531 -15.96 -14.78 -25.80
C ASP A 531 -16.46 -16.04 -26.49
N ASP A 532 -15.57 -16.91 -27.01
CA ASP A 532 -15.97 -18.26 -27.46
C ASP A 532 -16.29 -19.09 -26.21
N LYS A 533 -17.08 -20.16 -26.33
CA LYS A 533 -17.35 -20.90 -25.09
C LYS A 533 -16.57 -22.23 -25.09
N LYS A 534 -15.77 -22.50 -26.12
CA LYS A 534 -14.97 -23.71 -26.11
C LYS A 534 -13.78 -23.57 -25.15
N ALA A 535 -13.35 -24.71 -24.64
CA ALA A 535 -12.18 -24.80 -23.80
C ALA A 535 -10.96 -24.54 -24.67
N VAL A 536 -9.85 -24.14 -24.01
CA VAL A 536 -8.73 -23.63 -24.78
C VAL A 536 -7.50 -24.49 -24.48
N ALA A 537 -6.64 -24.65 -25.47
CA ALA A 537 -5.40 -25.36 -25.31
C ALA A 537 -4.25 -24.64 -26.04
N THR A 538 -4.39 -23.34 -26.20
CA THR A 538 -3.48 -22.52 -27.01
C THR A 538 -2.29 -21.96 -26.23
N HIS A 539 -2.26 -22.17 -24.92
CA HIS A 539 -1.23 -21.61 -24.06
C HIS A 539 -0.50 -22.73 -23.32
N ASP A 540 0.39 -22.33 -22.41
CA ASP A 540 0.97 -23.24 -21.42
C ASP A 540 -0.15 -23.89 -20.61
N ALA A 541 0.18 -24.97 -19.92
CA ALA A 541 -0.86 -25.76 -19.26
C ALA A 541 -1.51 -25.01 -18.08
N SER A 542 -0.75 -24.11 -17.43
CA SER A 542 -1.34 -23.37 -16.32
C SER A 542 -2.37 -22.39 -16.85
N THR A 543 -1.97 -21.56 -17.81
CA THR A 543 -2.89 -20.58 -18.39
C THR A 543 -4.11 -21.29 -18.96
N ASN A 544 -3.92 -22.43 -19.64
CA ASN A 544 -5.06 -23.16 -20.15
C ASN A 544 -5.95 -23.64 -19.00
N GLY A 545 -5.32 -24.20 -17.98
CA GLY A 545 -6.06 -24.74 -16.84
C GLY A 545 -6.89 -23.69 -16.11
N LEU A 546 -6.27 -22.54 -15.92
CA LEU A 546 -6.96 -21.42 -15.29
C LEU A 546 -8.11 -20.92 -16.14
N ILE A 547 -7.91 -20.71 -17.46
CA ILE A 547 -9.00 -20.27 -18.31
C ILE A 547 -10.14 -21.31 -18.28
N ASN A 548 -9.78 -22.57 -18.35
CA ASN A 548 -10.79 -23.63 -18.49
C ASN A 548 -11.57 -23.76 -17.17
N GLN A 549 -10.89 -23.60 -16.02
CA GLN A 549 -11.62 -23.63 -14.75
C GLN A 549 -12.56 -22.43 -14.65
N PHE A 550 -12.07 -21.27 -15.08
CA PHE A 550 -12.90 -20.08 -15.12
C PHE A 550 -14.16 -20.35 -15.94
N LYS A 551 -13.98 -20.90 -17.15
CA LYS A 551 -15.12 -21.16 -18.00
C LYS A 551 -16.16 -22.04 -17.29
N GLU A 552 -15.71 -23.02 -16.52
CA GLU A 552 -16.61 -23.92 -15.80
C GLU A 552 -17.37 -23.14 -14.73
N TRP A 553 -16.73 -22.09 -14.17
CA TRP A 553 -17.28 -21.40 -13.01
C TRP A 553 -17.98 -20.08 -13.34
N GLU A 554 -17.91 -19.61 -14.58
CA GLU A 554 -18.44 -18.29 -14.85
C GLU A 554 -19.95 -18.39 -14.95
N GLU A 555 -20.66 -17.26 -14.86
CA GLU A 555 -22.10 -17.31 -15.03
C GLU A 555 -22.45 -17.87 -16.42
N MET B 6 8.30 -25.31 24.83
CA MET B 6 9.74 -25.20 24.50
C MET B 6 10.09 -25.94 23.20
N ALA B 7 11.15 -25.40 22.60
CA ALA B 7 11.43 -25.60 21.20
C ALA B 7 12.17 -26.92 21.02
N SER B 8 11.94 -27.56 19.87
CA SER B 8 12.64 -28.81 19.53
C SER B 8 13.96 -28.58 18.80
N PHE B 9 14.19 -27.34 18.34
CA PHE B 9 15.42 -26.98 17.66
C PHE B 9 15.62 -25.48 17.95
N LYS B 10 16.80 -24.98 17.65
CA LYS B 10 17.17 -23.63 18.02
C LYS B 10 17.05 -22.69 16.81
N LEU B 11 17.69 -23.06 15.71
CA LEU B 11 17.79 -22.22 14.52
C LEU B 11 17.39 -23.01 13.27
N ALA B 12 16.75 -22.36 12.30
CA ALA B 12 16.43 -22.98 11.03
C ALA B 12 17.67 -23.55 10.35
N THR B 13 18.82 -22.91 10.54
CA THR B 13 20.08 -23.35 9.96
C THR B 13 20.61 -24.61 10.65
N ASP B 14 20.02 -25.03 11.77
CA ASP B 14 20.40 -26.29 12.42
C ASP B 14 19.72 -27.51 11.74
N LEU B 15 18.68 -27.27 10.92
CA LEU B 15 17.91 -28.36 10.34
C LEU B 15 18.67 -28.90 9.13
N PRO B 16 18.92 -30.24 9.04
CA PRO B 16 19.71 -30.80 7.94
C PRO B 16 19.26 -30.43 6.55
N GLU B 17 17.95 -30.19 6.35
CA GLU B 17 17.48 -29.99 4.99
C GLU B 17 17.87 -28.58 4.54
N TRP B 18 18.18 -27.67 5.47
CA TRP B 18 18.57 -26.30 5.10
C TRP B 18 19.77 -26.24 4.16
N LYS B 19 20.86 -26.94 4.52
CA LYS B 19 22.02 -27.00 3.64
C LYS B 19 21.68 -27.66 2.32
N LYS B 20 20.84 -28.69 2.37
CA LYS B 20 20.48 -29.40 1.14
C LYS B 20 19.70 -28.47 0.21
N LEU B 21 18.82 -27.63 0.77
CA LEU B 21 18.13 -26.65 -0.04
C LEU B 21 19.06 -25.58 -0.62
N GLU B 22 20.09 -25.19 0.12
CA GLU B 22 21.07 -24.25 -0.38
C GLU B 22 21.75 -24.87 -1.60
N GLU B 23 22.05 -26.17 -1.51
CA GLU B 23 22.71 -26.82 -2.63
C GLU B 23 21.76 -27.00 -3.81
N THR B 24 20.49 -27.33 -3.56
CA THR B 24 19.51 -27.40 -4.64
C THR B 24 19.28 -26.04 -5.28
N TYR B 25 19.30 -24.97 -4.50
CA TYR B 25 19.21 -23.63 -5.04
C TYR B 25 20.32 -23.42 -6.08
N LYS B 26 21.55 -23.79 -5.72
CA LYS B 26 22.64 -23.52 -6.66
CA LYS B 26 22.64 -23.52 -6.66
C LYS B 26 22.54 -24.44 -7.88
N SER B 27 22.14 -25.70 -7.70
CA SER B 27 22.16 -26.63 -8.84
C SER B 27 20.94 -26.51 -9.76
N VAL B 28 19.76 -26.18 -9.24
CA VAL B 28 18.50 -26.24 -9.95
C VAL B 28 17.69 -24.94 -9.83
N GLY B 29 17.73 -24.30 -8.66
CA GLY B 29 16.76 -23.25 -8.38
C GLY B 29 17.10 -21.94 -9.07
N GLU B 30 18.36 -21.54 -8.94
CA GLU B 30 18.78 -20.20 -9.32
C GLU B 30 18.43 -19.97 -10.80
N LYS B 31 18.74 -20.98 -11.63
CA LYS B 31 18.54 -20.87 -13.07
C LYS B 31 17.27 -21.60 -13.54
N PHE B 32 16.28 -21.79 -12.65
CA PHE B 32 15.10 -22.55 -12.97
C PHE B 32 14.34 -21.91 -14.13
N SER B 33 14.03 -22.74 -15.14
CA SER B 33 13.20 -22.38 -16.27
C SER B 33 11.81 -22.99 -16.09
N VAL B 34 10.82 -22.15 -15.89
CA VAL B 34 9.45 -22.60 -15.81
C VAL B 34 8.96 -23.09 -17.17
N ARG B 35 9.39 -22.42 -18.25
CA ARG B 35 9.08 -22.89 -19.57
C ARG B 35 9.57 -24.33 -19.78
N ASP B 36 10.82 -24.60 -19.42
CA ASP B 36 11.35 -25.94 -19.52
C ASP B 36 10.61 -26.93 -18.62
N ALA B 37 10.16 -26.49 -17.43
CA ALA B 37 9.46 -27.38 -16.51
C ALA B 37 8.14 -27.87 -17.14
N PHE B 38 7.38 -26.96 -17.77
CA PHE B 38 6.13 -27.34 -18.43
C PHE B 38 6.45 -28.30 -19.59
N ALA B 39 7.55 -28.05 -20.34
CA ALA B 39 7.88 -28.92 -21.47
C ALA B 39 8.30 -30.31 -21.00
N LYS B 40 8.89 -30.45 -19.83
CA LYS B 40 9.36 -31.72 -19.31
C LYS B 40 8.19 -32.55 -18.79
N ASP B 41 7.15 -31.86 -18.28
CA ASP B 41 6.12 -32.49 -17.45
C ASP B 41 4.76 -32.01 -17.92
N PRO B 42 4.11 -32.82 -18.77
CA PRO B 42 2.80 -32.48 -19.32
C PRO B 42 1.70 -32.38 -18.27
N LYS B 43 1.94 -32.95 -17.10
CA LYS B 43 0.98 -32.94 -16.00
C LYS B 43 1.32 -31.86 -14.96
N ARG B 44 2.16 -30.91 -15.30
CA ARG B 44 2.62 -29.96 -14.26
C ARG B 44 1.49 -29.15 -13.66
N PHE B 45 0.54 -28.66 -14.46
CA PHE B 45 -0.57 -27.89 -13.90
C PHE B 45 -1.31 -28.74 -12.86
N GLU B 46 -1.64 -30.00 -13.20
CA GLU B 46 -2.37 -30.85 -12.26
C GLU B 46 -1.54 -31.08 -11.01
N GLU B 47 -0.24 -31.25 -11.15
CA GLU B 47 0.62 -31.65 -10.05
C GLU B 47 0.83 -30.49 -9.07
N PHE B 48 0.77 -29.25 -9.56
CA PHE B 48 1.08 -28.09 -8.71
C PHE B 48 -0.11 -27.14 -8.59
N SER B 49 -1.32 -27.66 -8.72
CA SER B 49 -2.55 -26.95 -8.42
C SER B 49 -3.41 -27.85 -7.55
N TRP B 50 -4.20 -27.23 -6.67
CA TRP B 50 -5.07 -27.88 -5.70
C TRP B 50 -6.38 -27.13 -5.67
N ILE B 51 -7.48 -27.89 -5.64
CA ILE B 51 -8.81 -27.34 -5.46
C ILE B 51 -9.18 -27.47 -3.99
N TYR B 52 -9.50 -26.33 -3.38
CA TYR B 52 -10.01 -26.26 -2.04
C TYR B 52 -11.53 -26.26 -2.11
N LYS B 53 -12.17 -27.14 -1.33
CA LYS B 53 -13.61 -27.12 -1.21
C LYS B 53 -14.04 -26.58 0.14
N ASN B 54 -14.87 -25.52 0.09
CA ASN B 54 -15.32 -24.82 1.28
C ASN B 54 -16.48 -25.59 1.90
N TYR B 55 -16.93 -25.13 3.07
CA TYR B 55 -17.97 -25.87 3.79
C TYR B 55 -19.29 -25.88 3.02
N ASP B 56 -19.50 -24.87 2.17
CA ASP B 56 -20.75 -24.66 1.44
C ASP B 56 -20.69 -25.27 0.03
N ASP B 57 -19.66 -26.07 -0.24
CA ASP B 57 -19.39 -26.76 -1.49
C ASP B 57 -18.90 -25.82 -2.59
N SER B 58 -18.69 -24.52 -2.31
CA SER B 58 -17.99 -23.65 -3.25
C SER B 58 -16.50 -24.01 -3.23
N LYS B 59 -15.78 -23.54 -4.25
CA LYS B 59 -14.41 -23.99 -4.49
C LYS B 59 -13.50 -22.79 -4.77
N ILE B 60 -12.21 -23.02 -4.51
CA ILE B 60 -11.14 -22.08 -4.85
C ILE B 60 -9.99 -22.91 -5.41
N LEU B 61 -9.52 -22.53 -6.61
CA LEU B 61 -8.35 -23.15 -7.22
C LEU B 61 -7.11 -22.37 -6.79
N PHE B 62 -6.12 -23.09 -6.25
CA PHE B 62 -4.82 -22.55 -5.92
C PHE B 62 -3.79 -23.18 -6.84
N ASP B 63 -3.32 -22.36 -7.81
CA ASP B 63 -2.42 -22.82 -8.86
C ASP B 63 -1.03 -22.26 -8.57
N PHE B 64 -0.12 -23.13 -8.17
CA PHE B 64 1.23 -22.75 -7.86
C PHE B 64 2.19 -23.10 -8.99
N SER B 65 1.67 -23.52 -10.15
CA SER B 65 2.49 -24.17 -11.16
C SER B 65 3.41 -23.18 -11.91
N LYS B 66 3.21 -21.86 -11.83
CA LYS B 66 4.14 -20.89 -12.44
C LYS B 66 5.25 -20.46 -11.49
N ASN B 67 5.36 -21.13 -10.34
CA ASN B 67 6.44 -20.85 -9.40
C ASN B 67 7.73 -21.57 -9.78
N LEU B 68 8.85 -21.13 -9.19
CA LEU B 68 10.16 -21.74 -9.44
C LEU B 68 10.35 -22.96 -8.57
N VAL B 69 9.59 -24.00 -8.87
CA VAL B 69 9.50 -25.17 -8.00
C VAL B 69 9.26 -26.37 -8.93
N ASN B 70 9.69 -27.55 -8.47
CA ASN B 70 9.35 -28.80 -9.10
C ASN B 70 9.19 -29.83 -8.00
N LYS B 71 9.09 -31.10 -8.40
CA LYS B 71 8.85 -32.14 -7.41
C LYS B 71 10.00 -32.25 -6.43
N GLU B 72 11.24 -32.27 -6.94
CA GLU B 72 12.41 -32.38 -6.10
C GLU B 72 12.41 -31.28 -5.04
N ILE B 73 12.21 -30.03 -5.48
CA ILE B 73 12.30 -28.88 -4.60
C ILE B 73 11.18 -28.95 -3.56
N LEU B 74 9.95 -29.18 -4.02
CA LEU B 74 8.82 -29.20 -3.08
C LEU B 74 9.00 -30.31 -2.05
N ASP B 75 9.46 -31.48 -2.47
CA ASP B 75 9.72 -32.60 -1.55
C ASP B 75 10.76 -32.18 -0.51
N GLN B 76 11.78 -31.42 -0.89
CA GLN B 76 12.76 -30.95 0.08
C GLN B 76 12.15 -29.95 1.07
N LEU B 77 11.31 -29.05 0.59
CA LEU B 77 10.66 -28.06 1.43
C LEU B 77 9.76 -28.77 2.42
N VAL B 78 9.04 -29.79 1.98
CA VAL B 78 8.20 -30.57 2.88
C VAL B 78 9.05 -31.25 3.94
N THR B 79 10.21 -31.83 3.56
CA THR B 79 11.10 -32.41 4.56
C THR B 79 11.55 -31.35 5.57
N LEU B 80 11.82 -30.13 5.12
CA LEU B 80 12.23 -29.07 6.02
C LEU B 80 11.10 -28.78 7.03
N ALA B 81 9.86 -28.75 6.55
CA ALA B 81 8.68 -28.54 7.40
C ALA B 81 8.57 -29.63 8.47
N LYS B 82 8.87 -30.88 8.09
CA LYS B 82 8.86 -32.00 9.03
C LYS B 82 9.95 -31.80 10.08
N GLU B 83 11.16 -31.41 9.63
CA GLU B 83 12.26 -31.21 10.57
C GLU B 83 11.98 -30.08 11.55
N ALA B 84 11.27 -29.06 11.07
CA ALA B 84 10.95 -27.88 11.86
C ALA B 84 9.77 -28.11 12.79
N GLY B 85 9.11 -29.26 12.65
CA GLY B 85 7.97 -29.53 13.52
C GLY B 85 6.78 -28.59 13.30
N VAL B 86 6.54 -28.19 12.07
CA VAL B 86 5.36 -27.40 11.73
C VAL B 86 4.08 -28.06 12.26
N GLU B 87 3.96 -29.40 12.11
CA GLU B 87 2.74 -30.06 12.48
C GLU B 87 2.60 -30.05 14.01
N LYS B 88 3.67 -30.32 14.72
CA LYS B 88 3.66 -30.30 16.18
C LYS B 88 3.20 -28.95 16.72
N LEU B 89 3.74 -27.87 16.18
CA LEU B 89 3.39 -26.54 16.65
C LEU B 89 1.94 -26.19 16.29
N ARG B 90 1.53 -26.57 15.07
CA ARG B 90 0.15 -26.35 14.66
C ARG B 90 -0.79 -27.06 15.65
N ASP B 91 -0.49 -28.33 15.90
CA ASP B 91 -1.37 -29.11 16.76
C ASP B 91 -1.45 -28.50 18.15
N ALA B 92 -0.33 -27.98 18.66
CA ALA B 92 -0.31 -27.29 19.96
C ALA B 92 -1.15 -26.03 19.93
N MET B 93 -1.08 -25.30 18.82
CA MET B 93 -1.95 -24.14 18.65
C MET B 93 -3.42 -24.52 18.78
N PHE B 94 -3.84 -25.59 18.10
CA PHE B 94 -5.24 -26.00 18.13
C PHE B 94 -5.64 -26.62 19.46
N ALA B 95 -4.67 -27.09 20.22
CA ALA B 95 -4.86 -27.68 21.56
C ALA B 95 -5.02 -26.64 22.66
N GLY B 96 -4.80 -25.36 22.32
CA GLY B 96 -4.86 -24.25 23.27
C GLY B 96 -3.62 -24.08 24.10
N ASP B 97 -2.51 -24.71 23.70
CA ASP B 97 -1.27 -24.57 24.44
C ASP B 97 -0.75 -23.14 24.30
N HIS B 98 0.05 -22.73 25.28
CA HIS B 98 0.54 -21.36 25.32
C HIS B 98 1.77 -21.19 24.40
N ILE B 99 1.52 -21.26 23.08
CA ILE B 99 2.62 -21.20 22.12
C ILE B 99 3.09 -19.77 21.88
N ASN B 100 2.39 -18.76 22.40
CA ASN B 100 2.89 -17.40 22.48
C ASN B 100 3.76 -17.35 23.72
N THR B 101 5.03 -17.78 23.59
CA THR B 101 5.86 -18.07 24.74
C THR B 101 6.32 -16.83 25.47
N THR B 102 6.48 -15.72 24.77
CA THR B 102 7.03 -14.52 25.37
C THR B 102 5.99 -13.73 26.18
N GLU B 103 4.68 -13.89 25.89
CA GLU B 103 3.59 -13.29 26.62
C GLU B 103 2.90 -14.35 27.49
N ASP B 104 3.28 -15.61 27.34
CA ASP B 104 2.69 -16.78 27.99
C ASP B 104 1.18 -16.82 27.78
N ARG B 105 0.83 -16.94 26.50
CA ARG B 105 -0.57 -16.90 26.08
C ARG B 105 -0.83 -18.02 25.07
N ALA B 106 -2.07 -18.53 25.09
CA ALA B 106 -2.59 -19.34 24.00
C ALA B 106 -2.71 -18.46 22.77
N VAL B 107 -2.87 -19.11 21.62
CA VAL B 107 -2.99 -18.47 20.31
C VAL B 107 -4.23 -19.08 19.67
N TYR B 108 -5.39 -18.42 19.84
CA TYR B 108 -6.62 -19.16 19.64
C TYR B 108 -7.64 -18.40 18.83
N HIS B 109 -7.19 -17.65 17.83
CA HIS B 109 -8.13 -17.17 16.83
C HIS B 109 -8.89 -18.34 16.18
N VAL B 110 -8.30 -19.54 16.04
CA VAL B 110 -9.06 -20.69 15.50
C VAL B 110 -10.31 -20.99 16.32
N ALA B 111 -10.29 -20.72 17.64
CA ALA B 111 -11.46 -20.95 18.48
C ALA B 111 -12.57 -19.94 18.22
N LEU B 112 -12.24 -18.77 17.70
CA LEU B 112 -13.25 -17.74 17.46
C LEU B 112 -14.28 -18.18 16.42
N ARG B 113 -13.84 -19.00 15.44
CA ARG B 113 -14.67 -19.43 14.32
C ARG B 113 -15.02 -20.92 14.44
N ASN B 114 -15.01 -21.40 15.69
CA ASN B 114 -15.43 -22.78 16.01
C ASN B 114 -16.97 -22.89 16.03
N ARG B 115 -17.58 -22.68 14.88
CA ARG B 115 -19.03 -22.71 14.77
C ARG B 115 -19.60 -24.12 14.94
N ALA B 116 -18.76 -25.13 14.71
CA ALA B 116 -19.16 -26.51 14.97
C ALA B 116 -19.24 -26.81 16.46
N LEU B 117 -18.68 -25.97 17.33
CA LEU B 117 -18.67 -26.17 18.77
C LEU B 117 -17.87 -27.43 19.12
N ARG B 118 -16.73 -27.62 18.45
CA ARG B 118 -15.74 -28.61 18.87
C ARG B 118 -15.20 -28.22 20.24
N LYS B 119 -14.72 -29.20 21.01
CA LYS B 119 -14.02 -28.91 22.23
C LYS B 119 -12.67 -28.25 21.92
N MET B 120 -12.53 -27.00 22.39
CA MET B 120 -11.34 -26.20 22.12
CA MET B 120 -11.37 -26.16 22.11
C MET B 120 -10.96 -25.51 23.41
N PRO B 121 -10.12 -26.19 24.25
CA PRO B 121 -9.86 -25.71 25.59
C PRO B 121 -8.63 -24.85 25.74
N VAL B 122 -8.71 -23.82 26.59
CA VAL B 122 -7.57 -23.08 27.09
C VAL B 122 -7.49 -23.31 28.59
N ASP B 123 -6.31 -23.69 29.04
CA ASP B 123 -6.11 -23.99 30.46
C ASP B 123 -7.11 -25.06 30.91
N GLY B 124 -7.38 -26.01 30.01
CA GLY B 124 -8.15 -27.19 30.34
C GLY B 124 -9.65 -26.93 30.39
N LYS B 125 -10.07 -25.74 29.96
CA LYS B 125 -11.47 -25.38 30.00
C LYS B 125 -11.93 -25.00 28.59
N ASP B 126 -12.95 -25.72 28.11
CA ASP B 126 -13.50 -25.48 26.78
C ASP B 126 -13.90 -24.01 26.63
N THR B 127 -13.59 -23.45 25.46
CA THR B 127 -13.95 -22.09 25.05
C THR B 127 -15.17 -22.02 24.15
N ALA B 128 -15.73 -23.16 23.70
CA ALA B 128 -16.74 -23.14 22.65
C ALA B 128 -17.96 -22.30 23.05
N GLN B 129 -18.51 -22.49 24.25
CA GLN B 129 -19.70 -21.76 24.65
C GLN B 129 -19.44 -20.29 24.93
N GLU B 130 -18.28 -19.96 25.52
CA GLU B 130 -17.95 -18.59 25.85
CA GLU B 130 -17.98 -18.57 25.85
C GLU B 130 -17.83 -17.76 24.56
N VAL B 131 -17.24 -18.36 23.53
CA VAL B 131 -17.12 -17.71 22.23
C VAL B 131 -18.49 -17.54 21.60
N ASP B 132 -19.25 -18.63 21.61
CA ASP B 132 -20.61 -18.60 21.03
C ASP B 132 -21.48 -17.57 21.73
N ASP B 133 -21.39 -17.43 23.05
CA ASP B 133 -22.23 -16.45 23.75
C ASP B 133 -21.96 -15.02 23.25
N VAL B 134 -20.68 -14.67 23.00
CA VAL B 134 -20.38 -13.34 22.49
C VAL B 134 -20.99 -13.17 21.10
N LEU B 135 -20.92 -14.19 20.25
CA LEU B 135 -21.48 -14.13 18.91
C LEU B 135 -23.00 -13.95 19.02
N LYS B 136 -23.63 -14.60 20.01
CA LYS B 136 -25.08 -14.43 20.14
C LYS B 136 -25.43 -13.00 20.52
N HIS B 137 -24.65 -12.41 21.40
CA HIS B 137 -24.80 -10.99 21.76
C HIS B 137 -24.61 -10.08 20.54
N MET B 138 -23.57 -10.38 19.73
CA MET B 138 -23.35 -9.65 18.50
C MET B 138 -24.55 -9.76 17.57
N LYS B 139 -25.14 -10.96 17.43
CA LYS B 139 -26.28 -11.15 16.56
C LYS B 139 -27.40 -10.26 17.08
N GLU B 140 -27.68 -10.36 18.39
CA GLU B 140 -28.85 -9.65 18.92
C GLU B 140 -28.69 -8.14 18.67
N PHE B 141 -27.50 -7.61 18.97
CA PHE B 141 -27.28 -6.17 18.88
C PHE B 141 -27.30 -5.71 17.42
N SER B 142 -26.58 -6.43 16.56
CA SER B 142 -26.51 -6.03 15.15
C SER B 142 -27.90 -6.14 14.50
N ASP B 143 -28.67 -7.18 14.86
CA ASP B 143 -30.04 -7.27 14.36
C ASP B 143 -30.86 -6.04 14.75
N SER B 144 -30.69 -5.56 15.97
CA SER B 144 -31.52 -4.44 16.44
CA SER B 144 -31.48 -4.43 16.48
C SER B 144 -31.07 -3.13 15.81
N ILE B 145 -29.79 -3.01 15.49
CA ILE B 145 -29.34 -1.83 14.76
C ILE B 145 -29.99 -1.84 13.38
N ARG B 146 -29.91 -3.01 12.70
CA ARG B 146 -30.33 -3.12 11.33
C ARG B 146 -31.86 -2.99 11.18
N ASP B 147 -32.64 -3.43 12.18
CA ASP B 147 -34.09 -3.43 12.00
C ASP B 147 -34.73 -2.18 12.60
N GLY B 148 -33.91 -1.28 13.16
CA GLY B 148 -34.42 -0.03 13.75
C GLY B 148 -34.95 -0.15 15.17
N SER B 149 -34.90 -1.33 15.80
CA SER B 149 -35.42 -1.46 17.16
C SER B 149 -34.49 -0.81 18.18
N TRP B 150 -33.19 -0.68 17.88
CA TRP B 150 -32.29 0.17 18.62
C TRP B 150 -32.36 1.55 18.03
N THR B 151 -32.89 2.52 18.80
CA THR B 151 -33.02 3.88 18.35
C THR B 151 -32.03 4.79 19.09
N GLY B 152 -31.70 5.91 18.46
CA GLY B 152 -30.94 6.98 19.07
C GLY B 152 -31.74 7.78 20.09
N TYR B 153 -31.09 8.83 20.63
CA TYR B 153 -31.64 9.52 21.80
C TYR B 153 -32.87 10.34 21.44
N THR B 154 -33.12 10.58 20.17
CA THR B 154 -34.33 11.29 19.70
C THR B 154 -35.33 10.34 19.02
N GLY B 155 -35.11 9.04 19.12
CA GLY B 155 -36.06 8.03 18.68
C GLY B 155 -35.92 7.59 17.23
N LYS B 156 -34.78 7.88 16.61
CA LYS B 156 -34.51 7.57 15.20
C LYS B 156 -33.66 6.33 15.06
N SER B 157 -33.88 5.60 13.97
CA SER B 157 -33.01 4.50 13.57
CA SER B 157 -33.00 4.49 13.61
C SER B 157 -31.60 5.02 13.34
N ILE B 158 -30.61 4.14 13.58
CA ILE B 158 -29.21 4.42 13.33
C ILE B 158 -28.91 4.32 11.83
N THR B 159 -28.20 5.34 11.31
CA THR B 159 -27.84 5.40 9.92
C THR B 159 -26.33 5.23 9.71
N ASP B 160 -25.54 5.53 10.75
CA ASP B 160 -24.08 5.52 10.55
C ASP B 160 -23.44 4.94 11.77
N VAL B 161 -22.50 4.02 11.55
CA VAL B 161 -21.81 3.33 12.62
C VAL B 161 -20.34 3.62 12.43
N VAL B 162 -19.74 4.19 13.48
CA VAL B 162 -18.36 4.63 13.46
C VAL B 162 -17.53 3.74 14.39
N ASN B 163 -16.60 2.99 13.82
CA ASN B 163 -15.67 2.19 14.60
C ASN B 163 -14.48 3.10 14.92
N ILE B 164 -14.02 3.08 16.15
CA ILE B 164 -12.84 3.84 16.54
C ILE B 164 -11.87 2.86 17.15
N GLY B 165 -10.73 2.72 16.49
CA GLY B 165 -9.71 1.78 16.94
C GLY B 165 -8.52 1.89 15.99
N ILE B 166 -7.41 1.24 16.35
CA ILE B 166 -6.24 1.34 15.49
C ILE B 166 -5.58 -0.04 15.39
N GLY B 167 -4.86 -0.20 14.29
CA GLY B 167 -4.17 -1.47 14.10
C GLY B 167 -5.13 -2.64 13.89
N GLY B 168 -4.92 -3.71 14.67
CA GLY B 168 -5.82 -4.87 14.64
C GLY B 168 -7.27 -4.56 14.98
N SER B 169 -7.51 -3.41 15.63
CA SER B 169 -8.87 -3.00 15.98
C SER B 169 -9.52 -2.13 14.91
N ASP B 170 -8.83 -1.96 13.77
CA ASP B 170 -9.29 -1.16 12.66
C ASP B 170 -9.21 -1.92 11.32
N LEU B 171 -8.04 -2.45 10.95
CA LEU B 171 -7.77 -2.78 9.57
C LEU B 171 -8.63 -3.95 9.10
N GLY B 172 -8.93 -4.93 9.97
CA GLY B 172 -9.80 -6.01 9.62
C GLY B 172 -11.21 -5.53 9.32
N PRO B 173 -11.84 -4.79 10.25
CA PRO B 173 -13.15 -4.17 9.96
C PRO B 173 -13.18 -3.39 8.65
N VAL B 174 -12.19 -2.50 8.46
CA VAL B 174 -12.12 -1.75 7.20
C VAL B 174 -12.11 -2.71 6.00
N MET B 175 -11.14 -3.63 5.98
CA MET B 175 -10.92 -4.42 4.81
C MET B 175 -12.12 -5.31 4.49
N VAL B 176 -12.70 -5.90 5.53
CA VAL B 176 -13.79 -6.85 5.35
C VAL B 176 -15.10 -6.13 4.98
N THR B 177 -15.41 -4.94 5.57
CA THR B 177 -16.57 -4.20 5.11
C THR B 177 -16.42 -3.72 3.69
N GLU B 178 -15.21 -3.30 3.31
CA GLU B 178 -15.00 -2.93 1.91
C GLU B 178 -15.18 -4.17 1.02
N ALA B 179 -14.59 -5.30 1.41
CA ALA B 179 -14.59 -6.51 0.59
C ALA B 179 -16.01 -7.06 0.37
N LEU B 180 -16.87 -6.94 1.39
CA LEU B 180 -18.21 -7.54 1.36
C LEU B 180 -19.31 -6.47 1.24
N LYS B 181 -18.96 -5.30 0.69
CA LYS B 181 -19.89 -4.19 0.57
C LYS B 181 -21.10 -4.53 -0.29
N ALA B 182 -21.00 -5.50 -1.23
CA ALA B 182 -22.13 -5.94 -2.02
C ALA B 182 -23.28 -6.45 -1.14
N TYR B 183 -22.95 -6.84 0.11
CA TYR B 183 -23.91 -7.48 1.02
C TYR B 183 -24.48 -6.47 2.01
N SER B 184 -24.18 -5.19 1.81
CA SER B 184 -24.64 -4.14 2.72
C SER B 184 -26.07 -3.72 2.38
N LYS B 185 -26.65 -2.88 3.24
CA LYS B 185 -27.97 -2.36 2.91
C LYS B 185 -27.96 -0.86 2.77
N PRO B 186 -28.72 -0.33 1.78
CA PRO B 186 -28.83 1.09 1.60
C PRO B 186 -29.31 1.71 2.91
N GLY B 187 -28.64 2.80 3.24
CA GLY B 187 -29.05 3.64 4.34
C GLY B 187 -28.36 3.31 5.67
N LEU B 188 -27.54 2.26 5.69
CA LEU B 188 -26.76 1.96 6.90
C LEU B 188 -25.29 1.89 6.50
N ASN B 189 -24.54 2.88 6.95
CA ASN B 189 -23.14 3.07 6.51
C ASN B 189 -22.21 2.84 7.69
N VAL B 190 -20.99 2.44 7.34
CA VAL B 190 -19.94 2.30 8.35
C VAL B 190 -18.80 3.27 8.01
N HIS B 191 -18.09 3.64 9.07
CA HIS B 191 -16.94 4.54 9.02
C HIS B 191 -15.93 4.04 10.04
N PHE B 192 -14.67 4.41 9.80
CA PHE B 192 -13.54 3.91 10.56
C PHE B 192 -12.56 5.02 10.90
N ILE B 193 -12.56 5.46 12.16
CA ILE B 193 -11.60 6.45 12.65
C ILE B 193 -10.46 5.67 13.32
N SER B 194 -9.23 5.97 12.93
CA SER B 194 -8.11 5.21 13.44
C SER B 194 -6.87 6.07 13.78
N ASN B 195 -6.49 6.96 12.88
CA ASN B 195 -5.32 7.78 13.09
C ASN B 195 -5.59 8.70 14.29
N ILE B 196 -4.56 8.98 15.08
CA ILE B 196 -4.66 10.06 16.06
C ILE B 196 -4.74 11.39 15.37
N ASP B 197 -4.17 11.51 14.17
CA ASP B 197 -4.26 12.78 13.44
C ASP B 197 -5.70 13.27 13.47
N GLY B 198 -5.93 14.51 13.96
CA GLY B 198 -7.28 15.01 14.16
C GLY B 198 -8.05 15.15 12.85
N THR B 199 -7.35 15.22 11.71
CA THR B 199 -8.01 15.14 10.44
C THR B 199 -8.99 13.96 10.34
N HIS B 200 -8.58 12.80 10.85
CA HIS B 200 -9.39 11.58 10.69
C HIS B 200 -10.74 11.74 11.38
N THR B 201 -10.70 12.28 12.59
CA THR B 201 -11.94 12.55 13.33
C THR B 201 -12.76 13.65 12.67
N ALA B 202 -12.12 14.77 12.35
CA ALA B 202 -12.82 15.91 11.81
C ALA B 202 -13.51 15.59 10.49
N GLU B 203 -12.82 14.93 9.55
CA GLU B 203 -13.39 14.62 8.24
C GLU B 203 -14.48 13.56 8.34
N THR B 204 -14.37 12.68 9.32
CA THR B 204 -15.32 11.59 9.45
C THR B 204 -16.61 12.11 10.02
N LEU B 205 -16.55 12.92 11.07
CA LEU B 205 -17.75 13.31 11.80
C LEU B 205 -18.44 14.55 11.23
N LYS B 206 -17.75 15.32 10.38
CA LYS B 206 -18.20 16.65 9.98
C LYS B 206 -19.66 16.63 9.53
N ASN B 207 -20.02 15.66 8.70
CA ASN B 207 -21.36 15.68 8.11
C ASN B 207 -22.29 14.60 8.68
N LEU B 208 -21.89 13.94 9.78
CA LEU B 208 -22.77 12.96 10.42
C LEU B 208 -23.72 13.64 11.40
N ASN B 209 -24.82 12.95 11.70
CA ASN B 209 -25.84 13.41 12.61
C ASN B 209 -25.68 12.70 13.94
N PRO B 210 -25.30 13.37 15.05
CA PRO B 210 -25.26 12.71 16.34
C PRO B 210 -26.48 11.85 16.70
N GLU B 211 -27.67 12.32 16.28
CA GLU B 211 -28.91 11.65 16.58
C GLU B 211 -29.00 10.23 16.01
N THR B 212 -28.22 9.94 14.95
CA THR B 212 -28.37 8.69 14.20
C THR B 212 -27.00 7.99 13.99
N THR B 213 -26.02 8.40 14.79
CA THR B 213 -24.67 7.83 14.70
C THR B 213 -24.39 6.98 15.96
N LEU B 214 -23.87 5.77 15.75
CA LEU B 214 -23.47 4.85 16.82
C LEU B 214 -21.96 4.63 16.74
N PHE B 215 -21.28 4.69 17.87
CA PHE B 215 -19.85 4.48 17.94
C PHE B 215 -19.59 3.12 18.54
N LEU B 216 -18.59 2.41 17.96
CA LEU B 216 -18.00 1.23 18.56
C LEU B 216 -16.58 1.59 18.92
N ILE B 217 -16.23 1.55 20.19
CA ILE B 217 -14.88 1.84 20.61
C ILE B 217 -14.18 0.49 20.75
N ALA B 218 -13.21 0.26 19.86
CA ALA B 218 -12.58 -1.05 19.65
C ALA B 218 -11.15 -0.98 20.14
N SER B 219 -10.91 -1.70 21.23
CA SER B 219 -9.59 -1.76 21.83
C SER B 219 -9.52 -2.96 22.75
N LYS B 220 -8.59 -3.86 22.43
CA LYS B 220 -8.30 -5.04 23.25
C LYS B 220 -8.03 -4.62 24.68
N THR B 221 -7.08 -3.68 24.86
CA THR B 221 -6.67 -3.28 26.19
C THR B 221 -7.64 -2.25 26.78
N PHE B 222 -8.20 -1.43 25.88
CA PHE B 222 -8.99 -0.24 26.23
C PHE B 222 -8.10 0.83 26.90
N THR B 223 -6.79 0.81 26.61
CA THR B 223 -5.90 1.85 27.12
C THR B 223 -5.11 2.55 26.02
N THR B 224 -5.28 2.15 24.76
CA THR B 224 -4.47 2.63 23.67
C THR B 224 -4.68 4.14 23.55
N ALA B 225 -3.54 4.86 23.58
CA ALA B 225 -3.52 6.32 23.61
C ALA B 225 -4.41 6.90 22.54
N GLU B 226 -4.15 6.48 21.31
CA GLU B 226 -4.80 7.04 20.15
C GLU B 226 -6.31 6.80 20.25
N THR B 227 -6.68 5.55 20.60
CA THR B 227 -8.07 5.18 20.56
C THR B 227 -8.88 5.88 21.65
N ILE B 228 -8.36 5.95 22.88
CA ILE B 228 -9.12 6.60 23.92
C ILE B 228 -9.23 8.11 23.66
N THR B 229 -8.18 8.72 23.05
CA THR B 229 -8.25 10.14 22.75
C THR B 229 -9.29 10.36 21.64
N ASN B 230 -9.26 9.52 20.59
CA ASN B 230 -10.23 9.63 19.53
C ASN B 230 -11.63 9.47 20.12
N ALA B 231 -11.78 8.50 21.01
CA ALA B 231 -13.12 8.15 21.53
C ALA B 231 -13.64 9.32 22.36
N THR B 232 -12.75 9.98 23.10
CA THR B 232 -13.10 11.14 23.91
C THR B 232 -13.53 12.30 23.03
N SER B 233 -12.79 12.55 21.94
CA SER B 233 -13.16 13.62 21.03
C SER B 233 -14.51 13.34 20.37
N ALA B 234 -14.79 12.06 20.03
CA ALA B 234 -16.07 11.68 19.47
C ALA B 234 -17.19 11.90 20.50
N LYS B 235 -16.94 11.56 21.75
CA LYS B 235 -17.92 11.81 22.82
C LYS B 235 -18.20 13.30 22.94
N ASN B 236 -17.16 14.11 22.81
CA ASN B 236 -17.36 15.55 22.90
C ASN B 236 -18.18 16.08 21.73
N TRP B 237 -17.93 15.56 20.52
CA TRP B 237 -18.74 15.91 19.35
C TRP B 237 -20.21 15.55 19.60
N PHE B 238 -20.43 14.31 20.10
CA PHE B 238 -21.76 13.82 20.35
C PHE B 238 -22.50 14.73 21.35
N LEU B 239 -21.80 15.01 22.47
CA LEU B 239 -22.39 15.83 23.52
C LEU B 239 -22.57 17.29 23.10
N ALA B 240 -21.81 17.78 22.13
CA ALA B 240 -21.99 19.15 21.65
C ALA B 240 -23.43 19.34 21.15
N THR B 241 -24.02 18.25 20.61
CA THR B 241 -25.40 18.26 20.13
C THR B 241 -26.38 17.69 21.17
N ALA B 242 -26.06 16.56 21.82
CA ALA B 242 -26.95 15.82 22.71
C ALA B 242 -27.14 16.53 24.05
N LYS B 243 -26.08 17.24 24.50
CA LYS B 243 -26.12 18.17 25.62
C LYS B 243 -26.58 17.49 26.90
N ASP B 244 -26.37 16.17 27.04
CA ASP B 244 -26.63 15.45 28.27
C ASP B 244 -25.97 14.07 28.23
N SER B 245 -25.15 13.74 29.24
CA SER B 245 -24.42 12.48 29.28
C SER B 245 -25.33 11.26 29.36
N LYS B 246 -26.59 11.41 29.75
CA LYS B 246 -27.47 10.25 29.79
C LYS B 246 -27.69 9.65 28.40
N HIS B 247 -27.47 10.44 27.36
CA HIS B 247 -27.71 9.99 25.98
C HIS B 247 -26.60 9.12 25.42
N ILE B 248 -25.45 9.12 26.10
CA ILE B 248 -24.32 8.30 25.67
C ILE B 248 -24.71 6.83 25.50
N ALA B 249 -25.55 6.29 26.38
CA ALA B 249 -25.85 4.89 26.44
C ALA B 249 -26.48 4.37 25.14
N LYS B 250 -27.14 5.25 24.37
CA LYS B 250 -27.79 4.77 23.15
CA LYS B 250 -27.80 4.77 23.15
C LYS B 250 -26.84 4.88 21.97
N HIS B 251 -25.63 5.42 22.21
CA HIS B 251 -24.78 5.81 21.10
C HIS B 251 -23.37 5.25 21.17
N PHE B 252 -22.99 4.60 22.25
CA PHE B 252 -21.60 4.14 22.41
C PHE B 252 -21.61 2.71 22.93
N ALA B 253 -20.89 1.84 22.20
CA ALA B 253 -20.61 0.47 22.62
C ALA B 253 -19.11 0.23 22.58
N ALA B 254 -18.65 -0.82 23.25
CA ALA B 254 -17.22 -1.12 23.32
C ALA B 254 -16.92 -2.55 22.90
N LEU B 255 -15.78 -2.76 22.25
CA LEU B 255 -15.29 -4.06 21.84
C LEU B 255 -13.94 -4.24 22.53
N SER B 256 -13.90 -5.10 23.56
CA SER B 256 -12.71 -5.08 24.37
C SER B 256 -12.56 -6.38 25.15
N THR B 257 -11.36 -6.54 25.77
CA THR B 257 -11.14 -7.53 26.82
C THR B 257 -11.23 -6.92 28.22
N ASN B 258 -11.30 -5.60 28.35
CA ASN B 258 -11.13 -4.93 29.63
C ASN B 258 -12.43 -4.27 30.08
N GLU B 259 -13.28 -5.01 30.82
CA GLU B 259 -14.57 -4.43 31.23
C GLU B 259 -14.42 -3.26 32.18
N LYS B 260 -13.45 -3.32 33.11
CA LYS B 260 -13.31 -2.22 34.07
C LYS B 260 -13.00 -0.88 33.38
N GLU B 261 -12.09 -0.91 32.39
CA GLU B 261 -11.71 0.31 31.66
C GLU B 261 -12.85 0.81 30.76
N VAL B 262 -13.66 -0.10 30.21
CA VAL B 262 -14.84 0.28 29.45
C VAL B 262 -15.80 1.02 30.37
N VAL B 263 -16.02 0.49 31.58
CA VAL B 263 -17.06 1.08 32.42
C VAL B 263 -16.56 2.45 32.91
N ALA B 264 -15.26 2.49 33.23
CA ALA B 264 -14.60 3.74 33.64
C ALA B 264 -14.76 4.82 32.59
N PHE B 265 -14.84 4.42 31.29
CA PHE B 265 -15.02 5.41 30.24
C PHE B 265 -16.49 5.88 30.15
N GLY B 266 -17.46 5.25 30.81
CA GLY B 266 -18.87 5.68 30.64
C GLY B 266 -19.74 4.79 29.74
N ILE B 267 -19.22 3.62 29.33
CA ILE B 267 -20.03 2.70 28.54
C ILE B 267 -20.52 1.61 29.50
N ASP B 268 -21.83 1.38 29.43
CA ASP B 268 -22.51 0.33 30.19
CA ASP B 268 -22.55 0.32 30.14
C ASP B 268 -21.96 -1.05 29.80
N ALA B 269 -21.69 -1.88 30.83
CA ALA B 269 -21.10 -3.18 30.62
C ALA B 269 -22.00 -4.01 29.72
N LYS B 270 -23.32 -3.73 29.66
CA LYS B 270 -24.17 -4.58 28.84
C LYS B 270 -23.90 -4.34 27.34
N ASN B 271 -23.31 -3.20 27.03
CA ASN B 271 -22.95 -2.90 25.65
C ASN B 271 -21.45 -3.05 25.41
N MET B 272 -20.80 -3.90 26.21
CA MET B 272 -19.44 -4.36 25.90
C MET B 272 -19.51 -5.76 25.28
N PHE B 273 -18.75 -5.95 24.20
CA PHE B 273 -18.65 -7.16 23.42
C PHE B 273 -17.22 -7.64 23.65
N GLY B 274 -17.11 -8.73 24.39
CA GLY B 274 -15.83 -9.15 24.93
C GLY B 274 -15.05 -10.12 24.04
N PHE B 275 -13.74 -10.16 24.30
CA PHE B 275 -12.89 -11.23 23.75
C PHE B 275 -11.76 -11.47 24.74
N GLU B 276 -10.89 -12.44 24.43
CA GLU B 276 -9.89 -12.90 25.38
C GLU B 276 -8.47 -12.56 24.94
N SER B 277 -7.54 -12.70 25.90
CA SER B 277 -6.13 -12.39 25.75
CA SER B 277 -6.16 -12.31 25.68
C SER B 277 -5.50 -13.14 24.58
N TRP B 278 -6.04 -14.33 24.28
CA TRP B 278 -5.46 -15.24 23.29
C TRP B 278 -5.91 -14.89 21.87
N VAL B 279 -6.58 -13.75 21.70
CA VAL B 279 -6.88 -13.18 20.39
C VAL B 279 -5.89 -12.06 20.09
N GLY B 280 -4.97 -12.26 19.18
CA GLY B 280 -4.07 -11.20 18.75
C GLY B 280 -4.82 -10.21 17.89
N GLY B 281 -4.44 -8.91 17.98
CA GLY B 281 -5.16 -7.88 17.24
C GLY B 281 -5.23 -8.19 15.75
N ARG B 282 -4.10 -8.65 15.17
CA ARG B 282 -4.03 -8.92 13.73
C ARG B 282 -4.73 -10.22 13.31
N TYR B 283 -5.30 -10.91 14.30
CA TYR B 283 -6.11 -12.12 14.20
C TYR B 283 -7.50 -11.90 14.82
N SER B 284 -7.94 -10.67 15.00
CA SER B 284 -9.10 -10.37 15.84
C SER B 284 -10.39 -10.11 15.05
N VAL B 285 -10.38 -9.94 13.73
CA VAL B 285 -11.63 -9.60 13.04
C VAL B 285 -12.72 -10.65 13.22
N TRP B 286 -12.35 -11.88 13.63
CA TRP B 286 -13.25 -12.98 13.84
C TRP B 286 -14.04 -12.86 15.16
N SER B 287 -13.56 -11.99 16.05
CA SER B 287 -14.07 -11.81 17.41
C SER B 287 -15.10 -10.70 17.41
N ALA B 288 -15.42 -10.22 18.62
CA ALA B 288 -16.18 -8.99 18.87
C ALA B 288 -15.68 -7.84 18.00
N ILE B 289 -14.37 -7.77 17.68
CA ILE B 289 -13.85 -6.70 16.83
C ILE B 289 -14.55 -6.65 15.47
N GLY B 290 -15.11 -7.78 15.02
CA GLY B 290 -15.85 -7.78 13.77
C GLY B 290 -17.29 -7.26 13.91
N LEU B 291 -17.71 -6.68 15.05
CA LEU B 291 -19.11 -6.25 15.17
C LEU B 291 -19.53 -5.33 14.02
N SER B 292 -18.71 -4.36 13.64
CA SER B 292 -19.07 -3.50 12.51
C SER B 292 -19.42 -4.28 11.25
N VAL B 293 -18.73 -5.39 10.97
CA VAL B 293 -19.05 -6.23 9.83
C VAL B 293 -20.45 -6.85 9.97
N ALA B 294 -20.76 -7.41 11.16
CA ALA B 294 -22.10 -7.96 11.40
C ALA B 294 -23.18 -6.90 11.26
N ILE B 295 -22.91 -5.66 11.69
CA ILE B 295 -23.90 -4.61 11.52
C ILE B 295 -24.05 -4.26 10.05
N TYR B 296 -22.95 -4.17 9.32
CA TYR B 296 -22.98 -3.68 7.96
C TYR B 296 -23.65 -4.69 7.03
N ILE B 297 -23.35 -6.00 7.18
CA ILE B 297 -23.82 -7.00 6.21
C ILE B 297 -24.78 -8.04 6.81
N GLY B 298 -25.00 -7.95 8.12
CA GLY B 298 -25.87 -8.86 8.88
C GLY B 298 -25.10 -9.99 9.52
N PHE B 299 -25.58 -10.44 10.67
CA PHE B 299 -24.86 -11.46 11.40
C PHE B 299 -24.71 -12.76 10.60
N GLU B 300 -25.72 -13.15 9.82
CA GLU B 300 -25.68 -14.43 9.13
C GLU B 300 -24.53 -14.41 8.12
N ASN B 301 -24.33 -13.29 7.40
CA ASN B 301 -23.19 -13.16 6.52
C ASN B 301 -21.89 -13.21 7.30
N PHE B 302 -21.83 -12.52 8.43
CA PHE B 302 -20.64 -12.61 9.28
C PHE B 302 -20.37 -14.05 9.73
N ASN B 303 -21.42 -14.78 10.09
CA ASN B 303 -21.28 -16.18 10.50
C ASN B 303 -20.75 -17.07 9.36
N ASP B 304 -21.19 -16.79 8.14
CA ASP B 304 -20.71 -17.48 6.96
C ASP B 304 -19.22 -17.22 6.72
N PHE B 305 -18.78 -15.98 6.95
CA PHE B 305 -17.39 -15.59 6.94
C PHE B 305 -16.59 -16.42 7.96
N LEU B 306 -17.07 -16.52 9.19
CA LEU B 306 -16.43 -17.36 10.18
C LEU B 306 -16.35 -18.81 9.68
N LYS B 307 -17.46 -19.33 9.14
CA LYS B 307 -17.50 -20.75 8.73
C LYS B 307 -16.48 -21.00 7.61
N GLY B 308 -16.26 -19.98 6.73
CA GLY B 308 -15.21 -20.10 5.74
C GLY B 308 -13.83 -20.29 6.35
N ALA B 309 -13.55 -19.47 7.40
CA ALA B 309 -12.31 -19.63 8.10
C ALA B 309 -12.20 -21.02 8.73
N GLU B 310 -13.25 -21.47 9.39
CA GLU B 310 -13.27 -22.77 10.03
C GLU B 310 -12.96 -23.91 9.06
N ALA B 311 -13.53 -23.86 7.84
CA ALA B 311 -13.27 -24.91 6.86
C ALA B 311 -11.81 -24.90 6.41
N MET B 312 -11.19 -23.71 6.33
CA MET B 312 -9.77 -23.66 6.00
C MET B 312 -8.92 -24.15 7.15
N ASP B 313 -9.36 -23.87 8.39
CA ASP B 313 -8.69 -24.37 9.56
C ASP B 313 -8.68 -25.88 9.55
N GLN B 314 -9.84 -26.46 9.24
CA GLN B 314 -9.92 -27.92 9.16
C GLN B 314 -9.00 -28.49 8.09
N HIS B 315 -8.93 -27.85 6.93
CA HIS B 315 -8.01 -28.24 5.86
C HIS B 315 -6.58 -28.20 6.37
N PHE B 316 -6.21 -27.10 7.03
CA PHE B 316 -4.85 -26.97 7.54
C PHE B 316 -4.49 -28.03 8.59
N LEU B 317 -5.44 -28.33 9.46
CA LEU B 317 -5.23 -29.28 10.55
C LEU B 317 -5.11 -30.72 10.06
N THR B 318 -5.85 -31.08 9.01
CA THR B 318 -6.08 -32.50 8.73
C THR B 318 -5.38 -32.99 7.46
N THR B 319 -4.69 -32.13 6.71
CA THR B 319 -4.14 -32.49 5.43
C THR B 319 -2.66 -32.74 5.54
N PRO B 320 -2.16 -33.88 5.03
CA PRO B 320 -0.72 -34.09 4.89
C PRO B 320 -0.03 -32.90 4.24
N LEU B 321 1.19 -32.66 4.71
CA LEU B 321 1.86 -31.41 4.35
C LEU B 321 1.93 -31.24 2.82
N GLU B 322 2.23 -32.35 2.10
CA GLU B 322 2.48 -32.23 0.67
C GLU B 322 1.25 -31.78 -0.11
N ASN B 323 0.06 -31.81 0.48
CA ASN B 323 -1.14 -31.37 -0.17
C ASN B 323 -1.88 -30.29 0.60
N ASN B 324 -1.19 -29.69 1.58
CA ASN B 324 -1.80 -28.76 2.52
C ASN B 324 -1.55 -27.34 1.97
N ILE B 325 -2.60 -26.68 1.51
CA ILE B 325 -2.48 -25.50 0.66
C ILE B 325 -1.73 -24.39 1.40
N PRO B 326 -2.13 -23.97 2.62
CA PRO B 326 -1.40 -22.87 3.27
C PRO B 326 0.07 -23.25 3.54
N VAL B 327 0.35 -24.52 3.82
CA VAL B 327 1.72 -24.97 4.01
C VAL B 327 2.52 -24.80 2.72
N ILE B 328 1.97 -25.23 1.58
CA ILE B 328 2.66 -25.06 0.31
C ILE B 328 2.99 -23.58 0.06
N GLY B 329 2.02 -22.67 0.29
CA GLY B 329 2.28 -21.26 0.10
C GLY B 329 3.40 -20.78 1.03
N GLY B 330 3.38 -21.26 2.28
CA GLY B 330 4.39 -20.87 3.22
C GLY B 330 5.79 -21.40 2.84
N LEU B 331 5.87 -22.63 2.36
CA LEU B 331 7.12 -23.23 1.90
C LEU B 331 7.68 -22.46 0.71
N LEU B 332 6.86 -22.04 -0.21
CA LEU B 332 7.36 -21.29 -1.34
C LEU B 332 7.87 -19.92 -0.89
N SER B 333 7.20 -19.28 0.09
CA SER B 333 7.69 -18.03 0.64
C SER B 333 9.09 -18.20 1.23
N VAL B 334 9.31 -19.25 2.01
CA VAL B 334 10.61 -19.53 2.58
C VAL B 334 11.64 -19.73 1.47
N TRP B 335 11.27 -20.50 0.46
CA TRP B 335 12.13 -20.75 -0.69
C TRP B 335 12.61 -19.44 -1.29
N TYR B 336 11.70 -18.49 -1.54
CA TYR B 336 12.09 -17.23 -2.17
C TYR B 336 12.87 -16.32 -1.21
N ASN B 337 12.40 -16.20 0.03
CA ASN B 337 12.99 -15.35 1.06
C ASN B 337 14.41 -15.77 1.43
N ASN B 338 14.59 -17.07 1.68
CA ASN B 338 15.82 -17.56 2.29
C ASN B 338 16.80 -18.13 1.29
N PHE B 339 16.36 -18.46 0.07
CA PHE B 339 17.28 -19.13 -0.85
C PHE B 339 17.53 -18.24 -2.07
N PHE B 340 16.48 -17.58 -2.57
CA PHE B 340 16.64 -16.59 -3.63
C PHE B 340 17.03 -15.22 -3.10
N GLY B 341 16.70 -14.94 -1.83
CA GLY B 341 16.97 -13.63 -1.24
C GLY B 341 15.99 -12.53 -1.68
N ALA B 342 14.79 -12.91 -2.14
CA ALA B 342 13.73 -11.94 -2.47
C ALA B 342 13.17 -11.41 -1.17
N GLN B 343 13.17 -10.09 -1.00
CA GLN B 343 12.75 -9.52 0.27
C GLN B 343 11.25 -9.25 0.34
N THR B 344 10.54 -9.32 -0.79
CA THR B 344 9.14 -8.90 -0.81
C THR B 344 8.22 -9.99 -1.31
N HIS B 345 6.91 -9.80 -1.06
CA HIS B 345 5.84 -10.68 -1.46
C HIS B 345 4.71 -9.74 -1.89
N LEU B 346 4.30 -9.85 -3.15
CA LEU B 346 3.27 -9.03 -3.74
C LEU B 346 1.94 -9.76 -3.74
N VAL B 347 0.86 -9.08 -3.34
CA VAL B 347 -0.48 -9.66 -3.41
C VAL B 347 -1.35 -8.69 -4.18
N VAL B 348 -1.94 -9.19 -5.27
CA VAL B 348 -2.69 -8.37 -6.21
C VAL B 348 -4.08 -8.97 -6.41
N PRO B 349 -5.10 -8.39 -5.77
CA PRO B 349 -6.48 -8.80 -6.07
C PRO B 349 -6.95 -8.14 -7.36
N PHE B 350 -7.40 -8.98 -8.30
CA PHE B 350 -8.08 -8.53 -9.49
C PHE B 350 -9.55 -8.35 -9.11
N ASP B 351 -9.77 -7.37 -8.26
CA ASP B 351 -11.02 -7.21 -7.55
C ASP B 351 -10.98 -5.89 -6.80
N GLN B 352 -11.84 -4.95 -7.18
CA GLN B 352 -11.89 -3.65 -6.55
C GLN B 352 -12.42 -3.70 -5.10
N TYR B 353 -13.43 -4.57 -4.82
CA TYR B 353 -13.86 -4.71 -3.43
C TYR B 353 -12.71 -5.07 -2.49
N LEU B 354 -11.73 -5.84 -2.98
CA LEU B 354 -10.63 -6.28 -2.14
C LEU B 354 -9.48 -5.27 -2.17
N HIS B 355 -9.75 -3.99 -2.40
CA HIS B 355 -8.66 -3.01 -2.52
C HIS B 355 -7.81 -2.81 -1.26
N ARG B 356 -8.36 -3.12 -0.08
CA ARG B 356 -7.64 -3.06 1.20
C ARG B 356 -7.15 -4.41 1.69
N PHE B 357 -7.25 -5.47 0.87
CA PHE B 357 -6.76 -6.78 1.24
C PHE B 357 -5.25 -6.78 1.38
N PRO B 358 -4.45 -6.26 0.43
CA PRO B 358 -3.01 -6.23 0.66
C PRO B 358 -2.63 -5.55 1.97
N ALA B 359 -3.26 -4.43 2.28
CA ALA B 359 -2.93 -3.67 3.48
C ALA B 359 -3.19 -4.53 4.72
N TYR B 360 -4.29 -5.25 4.72
CA TYR B 360 -4.61 -6.12 5.84
C TYR B 360 -3.57 -7.21 5.97
N LEU B 361 -3.20 -7.83 4.85
CA LEU B 361 -2.21 -8.91 4.87
C LEU B 361 -0.84 -8.41 5.28
N GLN B 362 -0.55 -7.15 4.95
CA GLN B 362 0.71 -6.53 5.34
C GLN B 362 0.85 -6.54 6.86
N GLN B 363 -0.20 -6.20 7.60
CA GLN B 363 -0.14 -6.27 9.04
C GLN B 363 0.00 -7.73 9.51
N LEU B 364 -0.88 -8.60 9.00
CA LEU B 364 -0.89 -10.00 9.41
C LEU B 364 0.52 -10.57 9.27
N SER B 365 1.06 -10.42 8.07
CA SER B 365 2.35 -11.03 7.75
C SER B 365 3.49 -10.38 8.51
N MET B 366 3.66 -9.07 8.32
CA MET B 366 4.88 -8.40 8.78
C MET B 366 4.89 -8.27 10.29
N GLU B 367 3.76 -7.99 10.95
CA GLU B 367 3.71 -7.90 12.39
C GLU B 367 3.93 -9.28 13.00
N SER B 368 3.46 -10.34 12.33
CA SER B 368 3.72 -11.69 12.84
C SER B 368 5.20 -12.04 12.75
N ASN B 369 5.74 -11.87 11.54
CA ASN B 369 6.98 -12.56 11.22
C ASN B 369 8.19 -11.63 11.17
N GLY B 370 8.02 -10.33 11.48
CA GLY B 370 9.16 -9.43 11.59
C GLY B 370 9.82 -9.52 12.97
N LYS B 371 10.66 -10.57 13.09
CA LYS B 371 11.24 -10.99 14.36
C LYS B 371 12.67 -11.42 14.07
N SER B 372 13.54 -11.29 15.09
CA SER B 372 14.92 -11.67 14.94
C SER B 372 15.36 -12.68 15.98
N VAL B 373 14.43 -13.25 16.74
CA VAL B 373 14.76 -14.12 17.87
C VAL B 373 13.87 -15.37 17.79
N THR B 374 14.48 -16.54 18.02
CA THR B 374 13.74 -17.80 17.92
C THR B 374 13.11 -18.19 19.25
N ARG B 375 12.33 -19.28 19.21
CA ARG B 375 11.72 -19.88 20.39
C ARG B 375 12.74 -20.51 21.34
N ALA B 376 13.97 -20.70 20.86
CA ALA B 376 15.09 -21.07 21.74
C ALA B 376 15.84 -19.86 22.28
N ASN B 377 15.32 -18.66 22.00
CA ASN B 377 15.79 -17.43 22.62
C ASN B 377 17.21 -17.07 22.17
N VAL B 378 17.50 -17.34 20.89
CA VAL B 378 18.74 -16.96 20.23
C VAL B 378 18.42 -16.16 18.95
N PHE B 379 19.36 -15.34 18.53
CA PHE B 379 19.14 -14.45 17.39
C PHE B 379 19.27 -15.23 16.10
N THR B 380 18.47 -14.83 15.09
CA THR B 380 18.53 -15.38 13.76
C THR B 380 19.52 -14.55 12.93
N ASN B 381 20.46 -15.24 12.33
CA ASN B 381 21.34 -14.66 11.32
C ASN B 381 20.94 -15.10 9.90
N TYR B 382 19.68 -15.54 9.76
CA TYR B 382 19.04 -15.80 8.49
C TYR B 382 17.80 -14.90 8.44
N GLN B 383 17.23 -14.78 7.25
CA GLN B 383 16.10 -13.89 7.01
C GLN B 383 14.81 -14.46 7.59
N THR B 384 14.06 -13.54 8.18
CA THR B 384 12.70 -13.86 8.58
C THR B 384 11.68 -13.13 7.71
N GLY B 385 10.64 -12.54 8.31
CA GLY B 385 9.49 -12.05 7.54
C GLY B 385 9.87 -11.19 6.34
N THR B 386 9.09 -11.45 5.29
CA THR B 386 9.16 -10.64 4.08
CA THR B 386 9.08 -10.69 4.05
C THR B 386 8.36 -9.36 4.19
N ILE B 387 8.62 -8.43 3.27
CA ILE B 387 7.86 -7.20 3.17
C ILE B 387 6.71 -7.45 2.19
N LEU B 388 5.45 -7.42 2.67
CA LEU B 388 4.31 -7.71 1.82
C LEU B 388 3.70 -6.39 1.38
N PHE B 389 3.31 -6.30 0.11
CA PHE B 389 2.68 -5.10 -0.41
C PHE B 389 1.73 -5.48 -1.53
N GLY B 390 0.98 -4.50 -2.03
CA GLY B 390 0.14 -4.69 -3.17
C GLY B 390 -0.93 -3.62 -3.31
N GLU B 391 -1.55 -3.65 -4.48
CA GLU B 391 -2.70 -2.84 -4.88
C GLU B 391 -3.53 -3.69 -5.83
N PRO B 392 -4.81 -3.36 -6.03
CA PRO B 392 -5.62 -4.09 -6.98
C PRO B 392 -5.18 -3.92 -8.45
N ALA B 393 -5.45 -4.98 -9.22
CA ALA B 393 -5.39 -4.96 -10.67
C ALA B 393 -6.84 -4.70 -11.16
N THR B 394 -6.99 -4.04 -12.31
CA THR B 394 -5.93 -3.84 -13.29
C THR B 394 -5.04 -2.62 -13.04
N ASN B 395 -5.38 -1.75 -12.11
CA ASN B 395 -4.58 -0.53 -11.90
C ASN B 395 -3.08 -0.83 -11.76
N ALA B 396 -2.74 -1.82 -10.92
CA ALA B 396 -1.31 -2.11 -10.68
C ALA B 396 -0.52 -2.40 -11.95
N GLN B 397 -1.19 -2.95 -12.98
CA GLN B 397 -0.59 -3.29 -14.26
C GLN B 397 -0.02 -2.06 -14.97
N HIS B 398 -0.61 -0.91 -14.66
CA HIS B 398 -0.32 0.36 -15.32
C HIS B 398 0.78 1.10 -14.56
N SER B 399 1.20 0.57 -13.41
CA SER B 399 2.11 1.28 -12.53
C SER B 399 3.31 0.43 -12.15
N PHE B 400 3.32 -0.09 -10.94
CA PHE B 400 4.53 -0.75 -10.52
C PHE B 400 4.77 -2.11 -11.15
N PHE B 401 3.79 -2.65 -11.89
CA PHE B 401 4.06 -3.84 -12.69
C PHE B 401 5.20 -3.62 -13.69
N GLN B 402 5.49 -2.37 -14.11
CA GLN B 402 6.69 -2.16 -14.91
C GLN B 402 7.87 -2.86 -14.24
N LEU B 403 8.10 -2.59 -12.96
CA LEU B 403 9.25 -3.14 -12.24
C LEU B 403 9.11 -4.65 -12.05
N VAL B 404 7.89 -5.12 -11.79
CA VAL B 404 7.67 -6.56 -11.66
C VAL B 404 8.13 -7.29 -12.92
N HIS B 405 7.82 -6.70 -14.08
CA HIS B 405 8.15 -7.30 -15.37
C HIS B 405 9.59 -7.11 -15.80
N GLN B 406 10.18 -5.90 -15.60
CA GLN B 406 11.44 -5.58 -16.28
C GLN B 406 12.53 -5.11 -15.32
N GLY B 407 12.28 -5.03 -14.01
CA GLY B 407 13.33 -4.65 -13.08
C GLY B 407 14.30 -5.79 -12.74
N THR B 408 15.15 -5.53 -11.72
CA THR B 408 16.26 -6.40 -11.34
C THR B 408 15.97 -7.23 -10.07
N LYS B 409 14.72 -7.18 -9.55
CA LYS B 409 14.35 -7.81 -8.30
C LYS B 409 13.29 -8.89 -8.54
N LEU B 410 13.47 -10.05 -7.94
CA LEU B 410 12.47 -11.11 -7.96
C LEU B 410 11.38 -10.70 -6.97
N ILE B 411 10.11 -10.73 -7.41
CA ILE B 411 8.97 -10.32 -6.61
C ILE B 411 7.90 -11.41 -6.74
N PRO B 412 7.98 -12.43 -5.89
CA PRO B 412 6.95 -13.47 -5.88
C PRO B 412 5.59 -12.80 -5.69
N ALA B 413 4.61 -13.25 -6.50
CA ALA B 413 3.35 -12.52 -6.57
C ALA B 413 2.18 -13.51 -6.53
N ASP B 414 1.14 -13.15 -5.76
CA ASP B 414 -0.12 -13.85 -5.69
C ASP B 414 -1.16 -12.99 -6.40
N PHE B 415 -1.85 -13.56 -7.40
CA PHE B 415 -2.94 -12.90 -8.11
C PHE B 415 -4.24 -13.61 -7.73
N ILE B 416 -5.28 -12.86 -7.43
CA ILE B 416 -6.57 -13.37 -6.96
C ILE B 416 -7.70 -12.86 -7.84
N LEU B 417 -8.52 -13.76 -8.37
CA LEU B 417 -9.68 -13.39 -9.18
C LEU B 417 -10.89 -14.23 -8.77
N ALA B 418 -12.07 -13.61 -8.79
CA ALA B 418 -13.37 -14.32 -8.74
C ALA B 418 -13.87 -14.55 -10.17
N ALA B 419 -14.40 -15.75 -10.43
CA ALA B 419 -14.91 -16.06 -11.76
C ALA B 419 -16.20 -15.28 -12.02
N GLN B 420 -16.96 -15.00 -10.94
CA GLN B 420 -18.23 -14.27 -11.03
C GLN B 420 -18.11 -13.00 -10.20
N SER B 421 -18.57 -11.90 -10.81
CA SER B 421 -18.69 -10.57 -10.20
C SER B 421 -20.02 -10.39 -9.49
N HIS B 422 -20.02 -9.64 -8.41
CA HIS B 422 -21.24 -9.14 -7.82
C HIS B 422 -21.91 -8.05 -8.68
N ASN B 423 -21.17 -7.47 -9.63
CA ASN B 423 -21.61 -6.34 -10.44
C ASN B 423 -21.34 -6.64 -11.90
N PRO B 424 -22.01 -7.65 -12.50
CA PRO B 424 -21.77 -8.06 -13.88
C PRO B 424 -22.41 -7.13 -14.90
N ILE B 425 -22.05 -5.85 -14.82
CA ILE B 425 -22.65 -4.82 -15.64
C ILE B 425 -22.32 -5.10 -17.12
N GLU B 426 -23.13 -4.50 -17.99
CA GLU B 426 -22.91 -4.57 -19.42
C GLU B 426 -22.72 -6.01 -19.88
N LYS B 427 -23.61 -6.89 -19.40
CA LYS B 427 -23.65 -8.29 -19.81
C LYS B 427 -22.28 -8.95 -19.60
N ASN B 428 -21.65 -8.61 -18.47
CA ASN B 428 -20.40 -9.18 -18.01
C ASN B 428 -19.18 -8.77 -18.82
N LEU B 429 -19.30 -7.69 -19.62
CA LEU B 429 -18.18 -7.24 -20.43
C LEU B 429 -16.96 -6.86 -19.57
N HIS B 430 -17.21 -6.12 -18.49
CA HIS B 430 -16.11 -5.65 -17.62
C HIS B 430 -15.42 -6.84 -16.99
N GLN B 431 -16.22 -7.82 -16.57
CA GLN B 431 -15.72 -9.01 -15.88
C GLN B 431 -14.85 -9.84 -16.83
N ARG B 432 -15.31 -10.06 -18.08
CA ARG B 432 -14.49 -10.78 -19.02
C ARG B 432 -13.16 -10.06 -19.27
N MET B 433 -13.18 -8.74 -19.39
CA MET B 433 -11.96 -7.98 -19.56
C MET B 433 -11.04 -8.14 -18.36
N LEU B 434 -11.61 -7.99 -17.15
CA LEU B 434 -10.83 -8.19 -15.94
C LEU B 434 -10.14 -9.55 -15.93
N ALA B 435 -10.91 -10.64 -16.17
CA ALA B 435 -10.36 -11.98 -16.10
C ALA B 435 -9.28 -12.15 -17.16
N SER B 436 -9.50 -11.57 -18.38
CA SER B 436 -8.50 -11.73 -19.41
C SER B 436 -7.12 -11.20 -18.95
N ASN B 437 -7.13 -10.07 -18.25
CA ASN B 437 -5.92 -9.47 -17.67
C ASN B 437 -5.26 -10.41 -16.65
N PHE B 438 -6.07 -11.01 -15.78
CA PHE B 438 -5.58 -11.95 -14.78
C PHE B 438 -4.75 -13.04 -15.45
N PHE B 439 -5.33 -13.71 -16.47
CA PHE B 439 -4.66 -14.82 -17.11
C PHE B 439 -3.42 -14.29 -17.84
N ALA B 440 -3.58 -13.19 -18.57
CA ALA B 440 -2.52 -12.75 -19.47
C ALA B 440 -1.29 -12.26 -18.73
N GLN B 441 -1.48 -11.64 -17.59
CA GLN B 441 -0.35 -11.09 -16.82
C GLN B 441 0.54 -12.19 -16.25
N SER B 442 -0.08 -13.24 -15.65
CA SER B 442 0.72 -14.33 -15.12
C SER B 442 1.40 -15.07 -16.26
N GLU B 443 0.71 -15.24 -17.39
CA GLU B 443 1.33 -15.87 -18.54
C GLU B 443 2.58 -15.09 -18.97
N ALA B 444 2.45 -13.79 -19.13
CA ALA B 444 3.55 -12.96 -19.60
C ALA B 444 4.74 -12.99 -18.66
N LEU B 445 4.47 -12.95 -17.34
CA LEU B 445 5.54 -13.01 -16.36
C LEU B 445 6.33 -14.31 -16.45
N MET B 446 5.66 -15.38 -16.85
CA MET B 446 6.33 -16.66 -17.04
CA MET B 446 6.34 -16.66 -17.03
C MET B 446 7.07 -16.75 -18.38
N VAL B 447 6.41 -16.36 -19.47
CA VAL B 447 6.98 -16.70 -20.77
CA VAL B 447 6.85 -16.62 -20.85
C VAL B 447 7.94 -15.61 -21.22
N GLY B 448 7.70 -14.37 -20.83
CA GLY B 448 8.61 -13.30 -21.22
C GLY B 448 8.56 -13.04 -22.73
N LYS B 449 9.60 -12.43 -23.26
CA LYS B 449 9.70 -12.08 -24.66
C LYS B 449 11.17 -11.95 -25.02
N ASP B 450 11.65 -12.82 -25.89
CA ASP B 450 13.08 -12.86 -26.09
C ASP B 450 13.51 -11.88 -27.18
N GLU B 451 14.83 -11.82 -27.36
CA GLU B 451 15.41 -10.89 -28.34
C GLU B 451 14.88 -11.13 -29.76
N ALA B 452 14.82 -12.38 -30.18
CA ALA B 452 14.28 -12.72 -31.51
C ALA B 452 12.89 -12.16 -31.72
N LYS B 453 12.00 -12.31 -30.73
CA LYS B 453 10.64 -11.86 -30.82
C LYS B 453 10.53 -10.34 -30.87
N VAL B 454 11.38 -9.66 -30.09
CA VAL B 454 11.42 -8.21 -30.15
C VAL B 454 11.80 -7.75 -31.56
N LYS B 455 12.80 -8.41 -32.14
CA LYS B 455 13.21 -8.08 -33.49
C LYS B 455 12.08 -8.35 -34.49
N ALA B 456 11.42 -9.51 -34.35
CA ALA B 456 10.32 -9.83 -35.25
C ALA B 456 9.20 -8.80 -35.20
N GLU B 457 8.97 -8.22 -34.01
CA GLU B 457 7.97 -7.19 -33.76
C GLU B 457 8.41 -5.81 -34.24
N GLY B 458 9.64 -5.63 -34.73
CA GLY B 458 10.00 -4.42 -35.46
C GLY B 458 11.14 -3.58 -34.88
N ALA B 459 11.62 -3.94 -33.70
CA ALA B 459 12.72 -3.18 -33.12
C ALA B 459 14.05 -3.59 -33.74
N THR B 460 14.92 -2.58 -33.94
CA THR B 460 16.27 -2.80 -34.39
C THR B 460 17.29 -2.08 -33.51
N GLY B 461 18.54 -2.55 -33.60
CA GLY B 461 19.68 -1.89 -33.01
C GLY B 461 19.52 -1.78 -31.50
N GLY B 462 19.84 -0.61 -30.97
CA GLY B 462 19.92 -0.45 -29.53
C GLY B 462 18.55 -0.57 -28.82
N LEU B 463 17.46 -0.31 -29.51
CA LEU B 463 16.15 -0.41 -28.89
C LEU B 463 15.83 -1.83 -28.39
N VAL B 464 16.32 -2.86 -29.10
CA VAL B 464 15.92 -4.24 -28.82
C VAL B 464 15.99 -4.61 -27.34
N PRO B 465 17.13 -4.52 -26.63
CA PRO B 465 17.18 -5.04 -25.25
C PRO B 465 16.14 -4.39 -24.34
N HIS B 466 15.79 -3.13 -24.61
CA HIS B 466 14.85 -2.38 -23.77
C HIS B 466 13.43 -2.97 -23.78
N LYS B 467 13.11 -3.70 -24.85
CA LYS B 467 11.78 -4.27 -25.04
C LYS B 467 11.74 -5.77 -24.72
N GLU B 468 12.85 -6.36 -24.24
CA GLU B 468 12.90 -7.77 -23.87
C GLU B 468 12.31 -7.95 -22.45
N PHE B 469 11.76 -9.16 -22.24
CA PHE B 469 11.25 -9.60 -20.93
C PHE B 469 11.86 -10.95 -20.62
N SER B 470 12.50 -11.11 -19.45
CA SER B 470 13.17 -12.31 -19.04
C SER B 470 12.25 -13.53 -18.98
N GLY B 471 11.01 -13.31 -18.56
CA GLY B 471 10.14 -14.38 -18.10
C GLY B 471 10.73 -15.05 -16.86
N ASN B 472 10.18 -16.23 -16.56
CA ASN B 472 10.52 -16.96 -15.36
C ASN B 472 10.37 -16.09 -14.13
N ARG B 473 9.36 -15.25 -14.16
CA ARG B 473 9.02 -14.42 -13.02
C ARG B 473 7.79 -15.06 -12.39
N PRO B 474 7.87 -15.52 -11.14
CA PRO B 474 6.85 -16.44 -10.62
C PRO B 474 5.58 -15.77 -10.13
N THR B 475 4.47 -16.48 -10.28
CA THR B 475 3.20 -16.07 -9.73
C THR B 475 2.51 -17.31 -9.16
N THR B 476 1.61 -17.04 -8.21
CA THR B 476 0.62 -17.98 -7.74
C THR B 476 -0.72 -17.39 -8.13
N SER B 477 -1.59 -18.19 -8.78
CA SER B 477 -2.90 -17.72 -9.18
C SER B 477 -3.94 -18.41 -8.30
N ILE B 478 -4.82 -17.60 -7.72
CA ILE B 478 -5.89 -18.05 -6.85
C ILE B 478 -7.21 -17.64 -7.51
N LEU B 479 -7.99 -18.64 -7.95
CA LEU B 479 -9.24 -18.38 -8.65
C LEU B 479 -10.38 -18.89 -7.77
N ALA B 480 -11.23 -17.96 -7.37
CA ALA B 480 -12.42 -18.36 -6.62
C ALA B 480 -13.62 -18.35 -7.56
N GLN B 481 -14.70 -18.98 -7.15
CA GLN B 481 -15.94 -18.88 -7.89
C GLN B 481 -16.57 -17.50 -7.74
N LYS B 482 -16.62 -16.99 -6.51
CA LYS B 482 -17.18 -15.70 -6.19
C LYS B 482 -16.65 -15.30 -4.80
N ILE B 483 -16.35 -14.03 -4.58
CA ILE B 483 -15.87 -13.57 -3.28
C ILE B 483 -17.09 -13.27 -2.40
N THR B 484 -17.64 -14.38 -1.88
CA THR B 484 -18.68 -14.37 -0.86
C THR B 484 -18.05 -14.23 0.51
N PRO B 485 -18.86 -14.00 1.57
CA PRO B 485 -18.30 -14.03 2.93
C PRO B 485 -17.49 -15.31 3.20
N ALA B 486 -18.02 -16.48 2.85
CA ALA B 486 -17.34 -17.73 3.10
C ALA B 486 -16.00 -17.76 2.39
N THR B 487 -16.00 -17.36 1.11
CA THR B 487 -14.73 -17.35 0.39
C THR B 487 -13.70 -16.43 1.01
N LEU B 488 -14.12 -15.23 1.38
CA LEU B 488 -13.18 -14.31 2.04
C LEU B 488 -12.63 -14.89 3.35
N GLY B 489 -13.49 -15.56 4.12
CA GLY B 489 -13.06 -16.16 5.36
C GLY B 489 -11.98 -17.20 5.12
N SER B 490 -12.18 -18.02 4.08
CA SER B 490 -11.19 -19.04 3.75
C SER B 490 -9.88 -18.40 3.25
N LEU B 491 -10.01 -17.32 2.45
CA LEU B 491 -8.82 -16.62 1.93
C LEU B 491 -7.98 -15.99 3.04
N ILE B 492 -8.62 -15.35 4.01
CA ILE B 492 -7.82 -14.79 5.10
C ILE B 492 -7.17 -15.92 5.90
N ALA B 493 -7.92 -16.97 6.24
CA ALA B 493 -7.35 -18.07 6.98
C ALA B 493 -6.18 -18.71 6.21
N TYR B 494 -6.26 -18.78 4.87
CA TYR B 494 -5.14 -19.26 4.07
C TYR B 494 -3.88 -18.49 4.43
N TYR B 495 -3.96 -17.15 4.43
CA TYR B 495 -2.82 -16.32 4.70
C TYR B 495 -2.43 -16.42 6.19
N GLU B 496 -3.38 -16.59 7.09
CA GLU B 496 -3.02 -16.83 8.49
C GLU B 496 -2.11 -18.06 8.62
N HIS B 497 -2.51 -19.16 7.97
CA HIS B 497 -1.80 -20.42 8.13
C HIS B 497 -0.53 -20.44 7.31
N LEU B 498 -0.50 -19.71 6.19
CA LEU B 498 0.75 -19.49 5.46
C LEU B 498 1.76 -18.81 6.39
N THR B 499 1.31 -17.72 7.02
CA THR B 499 2.10 -16.94 7.98
C THR B 499 2.60 -17.85 9.09
N PHE B 500 1.69 -18.73 9.59
CA PHE B 500 2.01 -19.67 10.64
C PHE B 500 3.19 -20.55 10.19
N THR B 501 3.08 -21.06 8.95
CA THR B 501 4.05 -22.01 8.41
C THR B 501 5.43 -21.36 8.35
N GLU B 502 5.49 -20.18 7.74
CA GLU B 502 6.73 -19.43 7.66
C GLU B 502 7.36 -19.32 9.06
N GLY B 503 6.57 -18.86 10.03
CA GLY B 503 7.11 -18.62 11.37
C GLY B 503 7.60 -19.90 12.04
N ALA B 504 6.91 -21.02 11.74
CA ALA B 504 7.31 -22.30 12.32
C ALA B 504 8.66 -22.72 11.77
N ILE B 505 8.87 -22.55 10.46
CA ILE B 505 10.14 -22.91 9.86
C ILE B 505 11.29 -22.04 10.42
N TRP B 506 11.07 -20.74 10.54
CA TRP B 506 12.06 -19.82 11.09
C TRP B 506 12.27 -19.96 12.58
N ASN B 507 11.32 -20.66 13.22
CA ASN B 507 11.36 -20.90 14.66
C ASN B 507 11.14 -19.61 15.44
N ILE B 508 10.41 -18.64 14.89
CA ILE B 508 10.07 -17.44 15.60
C ILE B 508 8.69 -17.56 16.25
N ASN B 509 8.41 -16.61 17.13
CA ASN B 509 7.09 -16.48 17.74
C ASN B 509 6.28 -15.53 16.87
N SER B 510 5.36 -16.09 16.06
CA SER B 510 4.55 -15.28 15.12
C SER B 510 3.52 -14.45 15.86
N PHE B 511 3.41 -14.54 17.19
CA PHE B 511 2.21 -14.10 17.89
C PHE B 511 2.43 -12.99 18.91
N ASP B 512 3.68 -12.58 19.13
CA ASP B 512 3.96 -11.41 19.93
C ASP B 512 4.26 -10.21 19.02
N GLN B 513 4.53 -9.06 19.64
CA GLN B 513 4.84 -7.85 18.89
C GLN B 513 5.53 -6.83 19.81
N TRP B 514 6.72 -7.17 20.25
CA TRP B 514 7.44 -6.30 21.20
C TRP B 514 7.85 -4.96 20.55
N GLY B 515 7.97 -4.81 19.22
CA GLY B 515 8.08 -3.44 18.63
C GLY B 515 6.80 -2.57 18.66
N VAL B 516 5.66 -3.16 18.35
CA VAL B 516 4.39 -2.43 18.43
C VAL B 516 4.10 -2.09 19.87
N GLU B 517 4.52 -2.95 20.80
CA GLU B 517 4.37 -2.64 22.21
C GLU B 517 5.29 -1.46 22.59
N LEU B 518 6.55 -1.38 22.08
CA LEU B 518 7.41 -0.28 22.49
C LEU B 518 6.73 0.98 22.02
N GLY B 519 6.16 0.93 20.79
CA GLY B 519 5.55 2.11 20.18
C GLY B 519 4.86 3.05 21.18
N LYS B 520 4.63 2.66 22.44
CA LYS B 520 4.10 3.59 23.42
CA LYS B 520 4.09 3.56 23.44
C LYS B 520 5.10 3.81 24.57
N VAL B 521 6.18 4.62 24.34
CA VAL B 521 6.97 5.04 25.52
C VAL B 521 7.77 6.29 25.20
N LEU B 522 8.54 6.21 24.09
CA LEU B 522 9.28 7.40 23.72
C LEU B 522 8.28 8.49 23.34
N ALA B 523 7.07 8.13 22.86
CA ALA B 523 6.14 9.19 22.45
C ALA B 523 5.63 9.94 23.67
N LYS B 524 5.30 9.24 24.76
CA LYS B 524 4.79 9.91 25.94
C LYS B 524 5.81 10.91 26.51
N VAL B 525 7.10 10.55 26.53
CA VAL B 525 8.15 11.44 26.98
C VAL B 525 8.18 12.73 26.17
N ILE B 526 8.15 12.61 24.84
CA ILE B 526 8.20 13.78 23.98
C ILE B 526 6.90 14.58 24.04
N GLY B 527 5.77 13.90 24.22
CA GLY B 527 4.51 14.59 24.36
C GLY B 527 4.54 15.62 25.49
N LYS B 528 5.13 15.22 26.61
CA LYS B 528 5.22 16.14 27.74
C LYS B 528 6.15 17.31 27.42
N GLU B 529 7.23 17.06 26.66
CA GLU B 529 8.10 18.12 26.21
C GLU B 529 7.41 19.07 25.23
N LEU B 530 6.42 18.61 24.49
CA LEU B 530 5.71 19.46 23.55
C LEU B 530 4.66 20.28 24.30
N ASP B 531 4.39 19.90 25.56
CA ASP B 531 3.46 20.66 26.39
C ASP B 531 4.22 21.75 27.13
N ASP B 532 5.53 21.57 27.39
CA ASP B 532 6.36 22.63 27.96
C ASP B 532 6.70 23.62 26.85
N LYS B 533 7.21 24.80 27.23
CA LYS B 533 7.52 25.87 26.30
C LYS B 533 9.00 25.85 25.91
N LYS B 534 9.85 25.26 26.76
CA LYS B 534 11.29 25.41 26.56
C LYS B 534 11.73 24.59 25.34
N ALA B 535 12.85 25.02 24.77
CA ALA B 535 13.56 24.23 23.76
C ALA B 535 14.12 23.03 24.47
N VAL B 536 14.31 21.95 23.71
CA VAL B 536 14.63 20.66 24.28
C VAL B 536 16.08 20.31 23.93
N ALA B 537 16.75 19.68 24.90
CA ALA B 537 18.11 19.21 24.71
C ALA B 537 18.34 17.82 25.31
N THR B 538 17.27 17.08 25.56
CA THR B 538 17.29 15.83 26.29
C THR B 538 17.57 14.61 25.41
N HIS B 539 17.59 14.80 24.08
CA HIS B 539 17.72 13.71 23.12
C HIS B 539 19.00 13.86 22.30
N ASP B 540 19.18 12.94 21.34
CA ASP B 540 20.17 13.12 20.29
C ASP B 540 19.88 14.40 19.52
N ALA B 541 20.88 14.89 18.79
CA ALA B 541 20.84 16.21 18.17
C ALA B 541 19.78 16.31 17.07
N SER B 542 19.51 15.18 16.40
CA SER B 542 18.50 15.20 15.34
C SER B 542 17.13 15.32 15.97
N THR B 543 16.83 14.43 16.93
CA THR B 543 15.54 14.53 17.62
C THR B 543 15.35 15.92 18.24
N ASN B 544 16.38 16.45 18.94
CA ASN B 544 16.27 17.80 19.48
C ASN B 544 15.99 18.82 18.37
N GLY B 545 16.74 18.72 17.24
CA GLY B 545 16.60 19.68 16.17
C GLY B 545 15.20 19.69 15.56
N LEU B 546 14.67 18.48 15.36
CA LEU B 546 13.34 18.35 14.79
C LEU B 546 12.31 18.91 15.74
N ILE B 547 12.43 18.56 17.03
CA ILE B 547 11.45 19.05 18.00
C ILE B 547 11.49 20.59 18.06
N ASN B 548 12.71 21.13 18.11
CA ASN B 548 12.87 22.57 18.29
C ASN B 548 12.38 23.33 17.06
N GLN B 549 12.58 22.75 15.87
CA GLN B 549 12.10 23.38 14.63
C GLN B 549 10.57 23.35 14.61
N PHE B 550 10.00 22.23 15.08
CA PHE B 550 8.56 22.11 15.19
C PHE B 550 8.01 23.19 16.13
N LYS B 551 8.70 23.37 17.26
CA LYS B 551 8.25 24.37 18.24
C LYS B 551 8.21 25.77 17.62
N GLU B 552 9.17 26.09 16.76
CA GLU B 552 9.21 27.38 16.10
C GLU B 552 8.08 27.49 15.09
N TRP B 553 7.63 26.36 14.51
CA TRP B 553 6.64 26.39 13.44
C TRP B 553 5.19 26.06 13.86
N GLU B 554 4.98 25.62 15.10
CA GLU B 554 3.67 25.12 15.45
C GLU B 554 2.73 26.29 15.70
N GLU B 555 1.44 25.97 15.79
CA GLU B 555 0.50 27.04 16.15
C GLU B 555 0.85 27.63 17.53
#